data_7UZ1
#
_entry.id   7UZ1
#
_cell.length_a   168.088
_cell.length_b   168.088
_cell.length_c   95.548
_cell.angle_alpha   90.000
_cell.angle_beta   90.000
_cell.angle_gamma   120.000
#
_symmetry.space_group_name_H-M   'P 31 2 1'
#
loop_
_entity.id
_entity.type
_entity.pdbx_description
1 polymer Beta-galactosidase
2 non-polymer (1R,2S,3R,4R)-5-bromo-6-(hydroxymethyl)cyclohex-5-ene-1,2,3,4-tetrol
3 non-polymer 1,2-ETHANEDIOL
4 water water
#
_entity_poly.entity_id   1
_entity_poly.type   'polypeptide(L)'
_entity_poly.pdbx_seq_one_letter_code
;MYSFPNSFRFGWSQAGFQSEMGTPGSEDPNTDWYKWVHDPENMAAGLVSGDLPENGPGYWGNYKTFHDNAQKMGLKIARL
NVEWSRIFPNPLPRPQNFDESKQDVTEVEINENELKRLDEYANKDALNHYREIFKDLKSRGLYFILNMYHWPLPLWLHDP
IRVRRGDFTGPSGWLSTRTVYEFARFSAYIAWKFDDLVDEYSTMNEPNVVGGLGYVGVKSGFPPGYLSFELSRRHMYNII
QAHARAYDGIKSVSKKPVGIIYANSSFQPLTDKDMEAVEMAENDNRWWFFDAIIRGEITRGNEKIVRDDLKGRLDWIGVN
YYTRTVVKRTEKGYVSLGGYGHGCERNSVSLAGLPTSDFGWEFFPEGLYDVLTKYWNRYHLYMYVTENGIADDADYQRPY
YLVSHVYQVHRAINSGADVRGYLHWSLADNYEWASGFSMRFGLLKVDYNTKRLYWRPSALVYREIATNGAITDEIEHLNS
VPPVKPLRH
;
_entity_poly.pdbx_strand_id   A,B
#
loop_
_chem_comp.id
_chem_comp.type
_chem_comp.name
_chem_comp.formula
EDO non-polymer 1,2-ETHANEDIOL 'C2 H6 O2'
OM0 non-polymer (1R,2S,3R,4R)-5-bromo-6-(hydroxymethyl)cyclohex-5-ene-1,2,3,4-tetrol 'C7 H11 Br O5'
#
# COMPACT_ATOMS: atom_id res chain seq x y z
N MET A 1 -19.55 41.23 -5.21
CA MET A 1 -18.86 40.76 -4.00
C MET A 1 -19.79 39.74 -3.32
N TYR A 2 -19.23 38.85 -2.51
CA TYR A 2 -20.01 37.86 -1.74
C TYR A 2 -19.70 38.11 -0.28
N SER A 3 -20.58 38.85 0.40
CA SER A 3 -20.38 39.35 1.78
C SER A 3 -20.97 38.33 2.77
N PHE A 4 -20.25 38.09 3.85
CA PHE A 4 -20.63 37.13 4.89
C PHE A 4 -21.30 37.90 6.01
N PRO A 5 -22.14 37.24 6.83
CA PRO A 5 -22.70 37.87 8.02
C PRO A 5 -21.61 38.47 8.91
N ASN A 6 -21.96 39.50 9.67
CA ASN A 6 -20.99 40.21 10.53
C ASN A 6 -20.42 39.29 11.62
N SER A 7 -21.15 38.26 12.02
CA SER A 7 -20.77 37.30 13.07
C SER A 7 -19.88 36.19 12.52
N PHE A 8 -19.84 35.99 11.20
CA PHE A 8 -19.13 34.84 10.59
C PHE A 8 -17.64 35.07 10.77
N ARG A 9 -16.87 34.03 11.07
CA ARG A 9 -15.43 34.18 11.33
C ARG A 9 -14.64 33.30 10.35
N PHE A 10 -13.60 33.88 9.77
CA PHE A 10 -12.58 33.18 8.95
C PHE A 10 -11.37 32.86 9.81
N GLY A 11 -10.85 31.65 9.72
CA GLY A 11 -9.61 31.32 10.43
C GLY A 11 -8.98 30.06 9.93
N TRP A 12 -8.42 29.28 10.83
CA TRP A 12 -7.65 28.10 10.46
C TRP A 12 -7.81 27.00 11.53
N SER A 13 -7.52 25.80 11.08
CA SER A 13 -7.46 24.60 11.93
C SER A 13 -6.04 24.05 11.92
N GLN A 14 -5.64 23.37 12.99
CA GLN A 14 -4.29 22.82 13.15
C GLN A 14 -4.35 21.64 14.11
N ALA A 15 -3.45 20.70 14.00
CA ALA A 15 -3.40 19.51 14.90
C ALA A 15 -2.11 19.61 15.72
N GLY A 16 -2.11 19.10 16.96
CA GLY A 16 -0.91 19.09 17.80
C GLY A 16 0.18 18.22 17.24
N PHE A 17 -0.10 17.00 16.85
CA PHE A 17 0.95 16.08 16.41
C PHE A 17 1.59 16.65 15.15
N GLN A 18 0.76 17.22 14.28
CA GLN A 18 1.27 17.63 12.95
C GLN A 18 2.14 18.88 13.08
N SER A 19 1.87 19.78 14.01
CA SER A 19 2.42 21.16 14.02
C SER A 19 3.32 21.43 15.24
N GLU A 20 3.13 20.73 16.36
CA GLU A 20 3.79 21.19 17.61
C GLU A 20 5.30 21.00 17.56
N MET A 21 5.78 19.82 17.24
CA MET A 21 7.21 19.44 17.39
C MET A 21 8.05 20.15 16.30
N GLY A 22 9.33 20.30 16.62
CA GLY A 22 10.33 20.91 15.73
C GLY A 22 11.27 21.87 16.44
N THR A 23 10.88 22.39 17.59
CA THR A 23 11.69 23.29 18.49
C THR A 23 12.09 22.66 19.84
N PRO A 24 12.87 23.41 20.69
CA PRO A 24 13.45 22.91 21.95
C PRO A 24 12.50 22.43 23.03
N GLY A 25 12.71 21.16 23.44
CA GLY A 25 11.91 20.46 24.42
C GLY A 25 10.49 20.33 23.98
N SER A 26 10.22 20.28 22.66
CA SER A 26 8.82 20.08 22.16
C SER A 26 8.48 18.59 22.04
N GLU A 27 9.48 17.71 22.06
CA GLU A 27 9.39 16.28 21.65
C GLU A 27 8.37 15.57 22.55
N ASP A 28 7.46 14.81 21.95
CA ASP A 28 6.40 13.98 22.64
C ASP A 28 6.48 12.56 22.13
N PRO A 29 7.31 11.67 22.74
CA PRO A 29 7.55 10.33 22.23
C PRO A 29 6.51 9.30 22.74
N ASN A 30 5.52 9.76 23.47
CA ASN A 30 4.63 8.86 24.27
C ASN A 30 3.28 8.64 23.56
N THR A 31 3.22 8.63 22.20
CA THR A 31 1.99 8.29 21.45
C THR A 31 2.19 7.06 20.60
N ASP A 32 1.08 6.41 20.25
CA ASP A 32 1.04 5.37 19.22
C ASP A 32 1.61 5.91 17.90
N TRP A 33 1.18 7.10 17.50
CA TRP A 33 1.64 7.67 16.18
C TRP A 33 3.14 7.92 16.17
N TYR A 34 3.72 8.38 17.27
CA TYR A 34 5.18 8.54 17.35
C TYR A 34 5.86 7.21 17.16
N LYS A 35 5.48 6.19 17.96
CA LYS A 35 6.11 4.85 17.80
C LYS A 35 5.96 4.35 16.36
N TRP A 36 4.76 4.52 15.81
CA TRP A 36 4.34 3.98 14.51
C TRP A 36 5.25 4.54 13.39
N VAL A 37 5.52 5.84 13.44
CA VAL A 37 6.30 6.48 12.33
C VAL A 37 7.80 6.29 12.52
N HIS A 38 8.25 5.89 13.73
CA HIS A 38 9.67 5.55 13.97
C HIS A 38 9.94 4.05 13.81
N ASP A 39 8.91 3.25 13.54
CA ASP A 39 9.04 1.77 13.53
C ASP A 39 9.88 1.31 12.33
N PRO A 40 11.00 0.56 12.55
CA PRO A 40 11.82 0.11 11.44
C PRO A 40 11.08 -0.68 10.36
N GLU A 41 10.17 -1.57 10.74
CA GLU A 41 9.45 -2.43 9.76
C GLU A 41 8.47 -1.55 8.94
N ASN A 42 7.76 -0.63 9.57
CA ASN A 42 6.83 0.30 8.87
C ASN A 42 7.64 1.10 7.84
N MET A 43 8.87 1.50 8.19
CA MET A 43 9.70 2.28 7.22
C MET A 43 10.15 1.42 6.06
N ALA A 44 10.63 0.19 6.31
CA ALA A 44 11.08 -0.71 5.26
C ALA A 44 9.93 -1.06 4.31
N ALA A 45 8.72 -1.22 4.83
CA ALA A 45 7.53 -1.53 4.02
C ALA A 45 7.08 -0.30 3.21
N GLY A 46 7.57 0.88 3.54
CA GLY A 46 7.01 2.12 2.96
C GLY A 46 5.62 2.45 3.46
N LEU A 47 5.14 1.89 4.59
CA LEU A 47 3.84 2.32 5.12
C LEU A 47 3.95 3.74 5.64
N VAL A 48 5.12 4.13 6.17
CA VAL A 48 5.40 5.51 6.61
C VAL A 48 6.61 6.02 5.80
N SER A 49 6.70 7.33 5.70
CA SER A 49 7.61 8.03 4.76
C SER A 49 9.08 7.92 5.21
N GLY A 50 9.31 7.69 6.52
CA GLY A 50 10.64 7.89 7.14
C GLY A 50 10.87 9.31 7.64
N ASP A 51 10.03 10.29 7.28
CA ASP A 51 10.08 11.60 7.91
C ASP A 51 9.60 11.50 9.35
N LEU A 52 10.14 12.33 10.22
CA LEU A 52 9.83 12.23 11.67
C LEU A 52 9.27 13.53 12.17
N PRO A 53 8.22 13.47 12.99
CA PRO A 53 7.52 14.67 13.44
C PRO A 53 8.31 15.65 14.32
N GLU A 54 9.38 15.16 14.96
CA GLU A 54 10.24 16.02 15.79
C GLU A 54 11.08 16.96 14.91
N ASN A 55 11.03 16.78 13.57
CA ASN A 55 11.66 17.73 12.59
C ASN A 55 10.59 18.68 12.01
N GLY A 56 9.49 18.91 12.73
CA GLY A 56 8.28 19.61 12.26
C GLY A 56 8.37 21.12 12.34
N PRO A 57 7.23 21.84 12.21
CA PRO A 57 7.24 23.28 12.11
C PRO A 57 7.39 24.04 13.43
N GLY A 58 7.31 23.34 14.57
CA GLY A 58 7.72 23.92 15.86
C GLY A 58 6.71 24.89 16.42
N TYR A 59 5.41 24.66 16.30
CA TYR A 59 4.42 25.52 16.94
C TYR A 59 4.64 25.59 18.47
N TRP A 60 5.10 24.49 19.05
CA TRP A 60 5.28 24.41 20.53
C TRP A 60 6.13 25.59 20.99
N GLY A 61 7.24 25.84 20.26
CA GLY A 61 8.15 26.98 20.52
C GLY A 61 7.74 28.28 19.86
N ASN A 62 7.19 28.22 18.63
CA ASN A 62 7.12 29.42 17.74
C ASN A 62 5.69 29.92 17.60
N TYR A 63 4.79 29.51 18.50
CA TYR A 63 3.38 29.93 18.47
C TYR A 63 3.21 31.45 18.35
N LYS A 64 4.01 32.33 18.96
CA LYS A 64 3.74 33.78 18.85
C LYS A 64 3.88 34.19 17.38
N THR A 65 4.82 33.60 16.66
CA THR A 65 5.04 33.89 15.20
C THR A 65 3.81 33.40 14.40
N PHE A 66 3.30 32.19 14.67
CA PHE A 66 2.09 31.67 13.97
C PHE A 66 0.99 32.69 14.19
N HIS A 67 0.80 33.13 15.44
CA HIS A 67 -0.38 33.94 15.81
C HIS A 67 -0.21 35.37 15.26
N ASP A 68 1.04 35.87 15.20
CA ASP A 68 1.38 37.19 14.60
C ASP A 68 0.89 37.19 13.14
N ASN A 69 1.21 36.13 12.41
CA ASN A 69 0.85 35.98 10.97
C ASN A 69 -0.66 35.84 10.83
N ALA A 70 -1.31 35.01 11.65
CA ALA A 70 -2.78 34.90 11.61
C ALA A 70 -3.45 36.26 11.82
N GLN A 71 -3.01 37.03 12.80
CA GLN A 71 -3.59 38.39 13.08
C GLN A 71 -3.36 39.36 11.91
N LYS A 72 -2.17 39.32 11.31
CA LYS A 72 -1.84 40.12 10.07
C LYS A 72 -2.77 39.70 8.91
N MET A 73 -3.17 38.44 8.89
CA MET A 73 -4.05 37.89 7.81
C MET A 73 -5.51 38.24 8.05
N GLY A 74 -5.84 38.79 9.24
CA GLY A 74 -7.23 39.15 9.60
C GLY A 74 -8.07 38.01 10.19
N LEU A 75 -7.45 36.91 10.56
CA LEU A 75 -8.18 35.71 11.03
C LEU A 75 -8.78 36.00 12.41
N LYS A 76 -9.96 35.43 12.65
CA LYS A 76 -10.76 35.72 13.85
C LYS A 76 -11.16 34.45 14.57
N ILE A 77 -10.77 33.27 14.08
CA ILE A 77 -11.10 31.99 14.77
C ILE A 77 -9.96 31.00 14.54
N ALA A 78 -9.71 30.17 15.56
CA ALA A 78 -8.75 29.08 15.46
C ALA A 78 -9.34 27.83 16.09
N ARG A 79 -9.03 26.69 15.50
CA ARG A 79 -9.38 25.37 16.07
C ARG A 79 -8.10 24.57 16.20
N LEU A 80 -7.75 24.17 17.44
CA LEU A 80 -6.51 23.48 17.83
C LEU A 80 -6.93 22.32 18.76
N ASN A 81 -6.05 21.35 18.96
CA ASN A 81 -6.28 20.31 19.99
C ASN A 81 -5.15 20.37 21.03
N VAL A 82 -5.46 19.92 22.25
CA VAL A 82 -4.45 19.40 23.19
C VAL A 82 -4.12 17.95 22.90
N GLU A 83 -2.86 17.58 23.08
CA GLU A 83 -2.39 16.21 22.94
C GLU A 83 -2.52 15.51 24.34
N TRP A 84 -3.44 14.58 24.41
CA TRP A 84 -3.71 13.69 25.59
C TRP A 84 -2.39 13.20 26.20
N SER A 85 -1.52 12.65 25.39
CA SER A 85 -0.19 12.10 25.73
C SER A 85 0.64 13.14 26.48
N ARG A 86 0.60 14.41 26.12
CA ARG A 86 1.44 15.44 26.79
C ARG A 86 0.95 15.61 28.24
N ILE A 87 -0.35 15.48 28.43
CA ILE A 87 -1.00 15.84 29.74
C ILE A 87 -0.92 14.62 30.68
N PHE A 88 -1.14 13.42 30.13
CA PHE A 88 -1.10 12.13 30.87
C PHE A 88 -0.14 11.17 30.21
N PRO A 89 1.18 11.41 30.29
CA PRO A 89 2.13 10.55 29.62
C PRO A 89 2.23 9.16 30.26
N ASN A 90 1.87 9.05 31.56
CA ASN A 90 2.09 7.81 32.36
C ASN A 90 0.77 7.06 32.57
N PRO A 91 0.82 5.72 32.65
CA PRO A 91 -0.38 4.91 32.91
C PRO A 91 -1.14 5.35 34.17
N LEU A 92 -2.46 5.42 34.07
CA LEU A 92 -3.37 5.63 35.23
C LEU A 92 -3.76 4.25 35.76
N PRO A 93 -3.97 4.07 37.08
CA PRO A 93 -4.47 2.80 37.60
C PRO A 93 -5.81 2.38 36.99
N ARG A 94 -6.00 1.09 36.69
CA ARG A 94 -7.31 0.54 36.24
C ARG A 94 -8.30 0.87 37.34
N PRO A 95 -9.48 1.47 37.05
CA PRO A 95 -10.48 1.75 38.08
C PRO A 95 -11.11 0.45 38.62
N GLN A 96 -11.48 0.41 39.91
CA GLN A 96 -12.35 -0.63 40.52
C GLN A 96 -13.78 -0.26 40.13
N ASN A 97 -14.69 -1.24 40.03
CA ASN A 97 -16.13 -1.01 39.70
C ASN A 97 -16.24 -0.50 38.25
N PHE A 98 -15.68 -1.26 37.30
CA PHE A 98 -15.71 -1.07 35.83
C PHE A 98 -15.25 -2.37 35.18
N ASP A 99 -16.13 -3.07 34.47
CA ASP A 99 -15.83 -4.38 33.83
C ASP A 99 -15.58 -4.16 32.32
N GLU A 100 -14.38 -4.53 31.84
CA GLU A 100 -13.87 -4.26 30.46
C GLU A 100 -14.63 -5.10 29.43
N SER A 101 -15.24 -6.22 29.87
CA SER A 101 -15.97 -7.16 28.98
C SER A 101 -17.40 -6.69 28.68
N LYS A 102 -17.94 -5.67 29.37
CA LYS A 102 -19.23 -5.03 29.01
C LYS A 102 -19.01 -4.22 27.73
N GLN A 103 -19.80 -4.47 26.69
CA GLN A 103 -19.83 -3.76 25.38
C GLN A 103 -20.20 -2.28 25.55
N ASP A 104 -21.20 -1.98 26.38
CA ASP A 104 -21.80 -0.64 26.52
C ASP A 104 -21.15 0.11 27.67
N VAL A 105 -20.85 1.37 27.41
CA VAL A 105 -20.41 2.38 28.41
C VAL A 105 -21.49 3.46 28.39
N THR A 106 -22.47 3.40 29.33
CA THR A 106 -23.62 4.34 29.37
C THR A 106 -23.36 5.51 30.33
N GLU A 107 -22.38 5.41 31.22
CA GLU A 107 -22.14 6.49 32.20
C GLU A 107 -20.68 6.43 32.63
N VAL A 108 -20.07 7.59 32.79
CA VAL A 108 -18.78 7.76 33.48
C VAL A 108 -18.99 8.86 34.51
N GLU A 109 -18.92 8.51 35.79
CA GLU A 109 -19.12 9.47 36.90
C GLU A 109 -17.86 10.32 36.98
N ILE A 110 -18.03 11.63 36.90
CA ILE A 110 -16.94 12.60 37.11
C ILE A 110 -17.48 13.66 38.08
N ASN A 111 -16.68 14.00 39.10
CA ASN A 111 -16.99 15.07 40.10
C ASN A 111 -15.67 15.74 40.49
N GLU A 112 -15.71 16.78 41.33
CA GLU A 112 -14.53 17.55 41.81
C GLU A 112 -13.47 16.60 42.37
N ASN A 113 -13.86 15.63 43.20
CA ASN A 113 -12.88 14.68 43.81
C ASN A 113 -12.12 13.88 42.74
N GLU A 114 -12.82 13.36 41.72
CA GLU A 114 -12.20 12.57 40.64
C GLU A 114 -11.21 13.45 39.87
N LEU A 115 -11.59 14.69 39.61
CA LEU A 115 -10.75 15.66 38.85
C LEU A 115 -9.52 16.06 39.68
N LYS A 116 -9.69 16.29 40.99
CA LYS A 116 -8.54 16.59 41.87
C LYS A 116 -7.63 15.37 41.89
N ARG A 117 -8.16 14.15 41.91
CA ARG A 117 -7.35 12.91 41.87
C ARG A 117 -6.50 12.90 40.58
N LEU A 118 -7.12 13.24 39.45
CA LEU A 118 -6.43 13.32 38.15
C LEU A 118 -5.27 14.32 38.20
N ASP A 119 -5.41 15.48 38.88
CA ASP A 119 -4.31 16.47 39.02
C ASP A 119 -3.03 15.75 39.42
N GLU A 120 -3.07 14.78 40.35
CA GLU A 120 -1.87 14.08 40.87
C GLU A 120 -1.04 13.52 39.71
N TYR A 121 -1.70 13.11 38.63
CA TYR A 121 -1.10 12.36 37.51
C TYR A 121 -0.75 13.31 36.35
N ALA A 122 -1.25 14.53 36.33
CA ALA A 122 -1.13 15.39 35.12
C ALA A 122 0.27 16.02 35.03
N ASN A 123 0.77 16.22 33.81
CA ASN A 123 2.01 17.00 33.56
C ASN A 123 1.70 18.49 33.66
N LYS A 124 2.09 19.12 34.76
CA LYS A 124 1.83 20.55 35.05
C LYS A 124 2.54 21.42 33.98
N ASP A 125 3.74 21.04 33.56
CA ASP A 125 4.55 21.87 32.63
C ASP A 125 3.80 21.91 31.27
N ALA A 126 3.23 20.80 30.82
CA ALA A 126 2.44 20.78 29.56
C ALA A 126 1.18 21.63 29.73
N LEU A 127 0.45 21.48 30.85
CA LEU A 127 -0.78 22.27 31.06
C LEU A 127 -0.43 23.76 31.00
N ASN A 128 0.66 24.16 31.68
CA ASN A 128 1.01 25.59 31.79
C ASN A 128 1.39 26.08 30.38
N HIS A 129 2.17 25.29 29.64
CA HIS A 129 2.62 25.61 28.25
C HIS A 129 1.39 25.80 27.35
N TYR A 130 0.44 24.87 27.37
CA TYR A 130 -0.83 25.06 26.63
C TYR A 130 -1.54 26.33 27.07
N ARG A 131 -1.59 26.60 28.38
CA ARG A 131 -2.28 27.84 28.83
C ARG A 131 -1.57 29.08 28.22
N GLU A 132 -0.24 29.05 28.11
CA GLU A 132 0.53 30.18 27.55
C GLU A 132 0.14 30.32 26.06
N ILE A 133 -0.01 29.21 25.35
CA ILE A 133 -0.33 29.25 23.88
C ILE A 133 -1.72 29.83 23.72
N PHE A 134 -2.68 29.34 24.50
CA PHE A 134 -4.08 29.72 24.38
C PHE A 134 -4.29 31.19 24.81
N LYS A 135 -3.58 31.70 25.84
CA LYS A 135 -3.73 33.12 26.23
C LYS A 135 -3.18 33.99 25.09
N ASP A 136 -2.08 33.59 24.49
CA ASP A 136 -1.48 34.36 23.36
C ASP A 136 -2.51 34.38 22.22
N LEU A 137 -3.10 33.23 21.91
CA LEU A 137 -4.14 33.11 20.86
C LEU A 137 -5.29 34.07 21.18
N LYS A 138 -5.86 34.06 22.39
CA LYS A 138 -7.00 34.94 22.73
C LYS A 138 -6.59 36.42 22.67
N SER A 139 -5.38 36.77 23.08
CA SER A 139 -4.88 38.17 23.06
C SER A 139 -4.88 38.74 21.61
N ARG A 140 -4.98 37.92 20.56
CA ARG A 140 -5.08 38.46 19.17
C ARG A 140 -6.54 38.62 18.71
N GLY A 141 -7.53 38.53 19.58
CA GLY A 141 -8.96 38.50 19.24
C GLY A 141 -9.38 37.23 18.47
N LEU A 142 -8.69 36.11 18.65
CA LEU A 142 -9.11 34.82 18.00
C LEU A 142 -10.11 34.11 18.91
N TYR A 143 -11.31 33.87 18.41
CA TYR A 143 -12.33 32.94 18.96
C TYR A 143 -11.72 31.54 18.89
N PHE A 144 -11.93 30.73 19.94
CA PHE A 144 -11.14 29.52 20.19
C PHE A 144 -12.06 28.32 20.27
N ILE A 145 -11.94 27.45 19.28
CA ILE A 145 -12.49 26.08 19.33
C ILE A 145 -11.40 25.13 19.82
N LEU A 146 -11.62 24.51 20.98
CA LEU A 146 -10.67 23.51 21.51
C LEU A 146 -11.19 22.11 21.24
N ASN A 147 -10.41 21.33 20.49
CA ASN A 147 -10.69 19.92 20.19
C ASN A 147 -9.90 19.01 21.14
N MET A 148 -10.50 17.90 21.61
CA MET A 148 -9.85 17.05 22.64
C MET A 148 -8.95 16.01 22.00
N TYR A 149 -9.14 15.69 20.70
CA TYR A 149 -8.53 14.47 20.15
C TYR A 149 -8.34 14.63 18.63
N HIS A 150 -7.10 14.54 18.15
CA HIS A 150 -6.79 14.60 16.68
C HIS A 150 -5.82 13.48 16.32
N TRP A 151 -6.11 12.26 16.79
CA TRP A 151 -5.67 10.94 16.31
C TRP A 151 -4.65 10.24 17.24
N PRO A 152 -3.51 10.85 17.69
CA PRO A 152 -2.61 10.09 18.57
C PRO A 152 -3.30 9.83 19.93
N LEU A 153 -3.08 8.60 20.40
CA LEU A 153 -3.40 8.13 21.78
C LEU A 153 -2.12 7.97 22.58
N PRO A 154 -2.19 8.14 23.92
CA PRO A 154 -1.07 7.76 24.77
C PRO A 154 -0.66 6.31 24.55
N LEU A 155 0.64 6.01 24.53
CA LEU A 155 1.17 4.64 24.32
C LEU A 155 0.57 3.72 25.39
N TRP A 156 0.29 4.25 26.58
CA TRP A 156 -0.22 3.37 27.67
C TRP A 156 -1.66 2.93 27.37
N LEU A 157 -2.32 3.53 26.37
CA LEU A 157 -3.67 3.16 25.91
C LEU A 157 -3.62 2.41 24.58
N HIS A 158 -2.55 2.50 23.81
CA HIS A 158 -2.45 1.81 22.50
C HIS A 158 -1.01 1.55 22.09
N ASP A 159 -0.63 0.28 22.02
CA ASP A 159 0.66 -0.10 21.43
C ASP A 159 0.29 -0.61 20.07
N PRO A 160 0.48 0.24 19.02
CA PRO A 160 0.01 -0.17 17.71
C PRO A 160 0.85 -1.25 17.03
N ILE A 161 2.14 -1.42 17.40
CA ILE A 161 2.99 -2.44 16.74
C ILE A 161 2.53 -3.84 17.19
N ARG A 162 2.24 -3.98 18.48
CA ARG A 162 1.70 -5.25 19.00
C ARG A 162 0.40 -5.64 18.24
N VAL A 163 -0.49 -4.68 18.05
CA VAL A 163 -1.76 -4.89 17.32
C VAL A 163 -1.48 -5.24 15.85
N ARG A 164 -0.61 -4.47 15.18
CA ARG A 164 -0.27 -4.81 13.79
C ARG A 164 0.14 -6.28 13.69
N ARG A 165 0.91 -6.76 14.68
CA ARG A 165 1.41 -8.16 14.68
C ARG A 165 0.33 -9.18 15.04
N GLY A 166 -0.85 -8.72 15.42
CA GLY A 166 -2.03 -9.59 15.69
C GLY A 166 -2.03 -10.10 17.13
N ASP A 167 -1.35 -9.38 18.00
CA ASP A 167 -1.36 -9.56 19.48
C ASP A 167 -2.34 -8.57 20.08
N PHE A 168 -3.45 -9.07 20.65
CA PHE A 168 -4.49 -8.25 21.29
C PHE A 168 -4.47 -8.32 22.83
N THR A 169 -3.34 -8.70 23.43
CA THR A 169 -3.20 -8.86 24.91
C THR A 169 -2.74 -7.54 25.55
N GLY A 170 -2.41 -6.52 24.74
CA GLY A 170 -1.86 -5.24 25.21
C GLY A 170 -2.86 -4.11 25.08
N PRO A 171 -2.42 -2.86 25.30
CA PRO A 171 -3.31 -1.69 25.14
C PRO A 171 -3.78 -1.57 23.68
N SER A 172 -5.09 -1.60 23.44
CA SER A 172 -5.66 -1.85 22.09
C SER A 172 -6.40 -0.61 21.56
N GLY A 173 -6.20 0.55 22.17
CA GLY A 173 -6.75 1.82 21.65
C GLY A 173 -8.26 1.84 21.68
N TRP A 174 -8.90 2.27 20.61
CA TRP A 174 -10.37 2.41 20.60
C TRP A 174 -11.05 1.02 20.63
N LEU A 175 -10.31 -0.08 20.53
CA LEU A 175 -10.97 -1.41 20.55
C LEU A 175 -11.35 -1.72 22.01
N SER A 176 -10.90 -0.92 22.95
CA SER A 176 -11.07 -1.20 24.40
C SER A 176 -11.95 -0.14 25.05
N THR A 177 -12.96 -0.57 25.85
CA THR A 177 -13.81 0.37 26.61
C THR A 177 -12.98 1.09 27.68
N ARG A 178 -11.79 0.61 28.05
CA ARG A 178 -10.86 1.35 28.95
C ARG A 178 -10.55 2.73 28.32
N THR A 179 -10.37 2.76 27.00
CA THR A 179 -10.01 4.00 26.28
C THR A 179 -11.21 4.93 26.27
N VAL A 180 -12.41 4.40 26.10
CA VAL A 180 -13.68 5.17 26.19
C VAL A 180 -13.78 5.84 27.56
N TYR A 181 -13.62 5.05 28.63
CA TYR A 181 -13.68 5.51 30.04
C TYR A 181 -12.67 6.64 30.25
N GLU A 182 -11.41 6.42 29.91
CA GLU A 182 -10.35 7.41 30.17
C GLU A 182 -10.55 8.66 29.28
N PHE A 183 -11.07 8.48 28.07
CA PHE A 183 -11.31 9.65 27.15
C PHE A 183 -12.36 10.58 27.74
N ALA A 184 -13.42 10.01 28.37
CA ALA A 184 -14.44 10.86 29.01
C ALA A 184 -13.84 11.66 30.16
N ARG A 185 -13.02 11.03 31.01
CA ARG A 185 -12.38 11.74 32.15
C ARG A 185 -11.38 12.80 31.62
N PHE A 186 -10.59 12.44 30.62
CA PHE A 186 -9.63 13.38 29.98
C PHE A 186 -10.37 14.65 29.55
N SER A 187 -11.47 14.48 28.81
CA SER A 187 -12.21 15.61 28.18
C SER A 187 -12.76 16.49 29.29
N ALA A 188 -13.32 15.89 30.35
CA ALA A 188 -13.78 16.68 31.50
C ALA A 188 -12.63 17.43 32.16
N TYR A 189 -11.48 16.79 32.33
CA TYR A 189 -10.30 17.37 32.97
C TYR A 189 -9.84 18.61 32.18
N ILE A 190 -9.75 18.49 30.86
CA ILE A 190 -9.32 19.63 30.00
C ILE A 190 -10.32 20.76 30.10
N ALA A 191 -11.63 20.50 30.05
CA ALA A 191 -12.63 21.58 30.16
C ALA A 191 -12.53 22.22 31.55
N TRP A 192 -12.26 21.43 32.58
CA TRP A 192 -12.12 21.95 33.98
C TRP A 192 -10.90 22.87 34.07
N LYS A 193 -9.82 22.59 33.34
CA LYS A 193 -8.59 23.43 33.39
C LYS A 193 -8.71 24.64 32.42
N PHE A 194 -9.44 24.54 31.32
CA PHE A 194 -9.25 25.54 30.24
C PHE A 194 -10.51 26.33 29.94
N ASP A 195 -11.60 26.05 30.62
CA ASP A 195 -12.90 26.62 30.22
C ASP A 195 -12.90 28.15 30.16
N ASP A 196 -12.08 28.82 30.96
CA ASP A 196 -12.02 30.32 30.98
C ASP A 196 -11.51 30.85 29.62
N LEU A 197 -10.69 30.05 28.89
CA LEU A 197 -10.07 30.47 27.59
C LEU A 197 -10.91 30.00 26.39
N VAL A 198 -11.62 28.89 26.52
CA VAL A 198 -12.28 28.18 25.40
C VAL A 198 -13.59 28.88 25.07
N ASP A 199 -13.94 29.00 23.77
CA ASP A 199 -15.27 29.50 23.38
C ASP A 199 -16.22 28.35 23.06
N GLU A 200 -15.76 27.35 22.30
CA GLU A 200 -16.55 26.13 21.97
C GLU A 200 -15.62 24.93 21.94
N TYR A 201 -16.18 23.75 22.18
CA TYR A 201 -15.43 22.47 22.26
C TYR A 201 -15.84 21.58 21.10
N SER A 202 -14.91 20.73 20.71
CA SER A 202 -15.10 19.51 19.91
C SER A 202 -14.51 18.37 20.71
N THR A 203 -15.17 17.25 20.71
CA THR A 203 -14.64 16.03 21.33
C THR A 203 -13.51 15.49 20.47
N MET A 204 -13.74 15.37 19.16
CA MET A 204 -12.86 14.56 18.30
C MET A 204 -12.78 15.17 16.89
N ASN A 205 -11.71 14.84 16.21
CA ASN A 205 -11.50 15.13 14.78
C ASN A 205 -11.53 13.81 14.01
N GLU A 206 -12.48 13.67 13.08
CA GLU A 206 -12.52 12.61 12.04
C GLU A 206 -12.25 11.25 12.65
N PRO A 207 -13.05 10.81 13.65
CA PRO A 207 -12.86 9.46 14.16
C PRO A 207 -13.15 8.37 13.13
N ASN A 208 -13.96 8.68 12.09
CA ASN A 208 -14.22 7.76 10.95
C ASN A 208 -12.93 7.47 10.16
N VAL A 209 -12.02 8.42 10.03
CA VAL A 209 -10.75 8.19 9.29
C VAL A 209 -9.82 7.28 10.12
N VAL A 210 -9.72 7.60 11.41
CA VAL A 210 -8.87 6.80 12.34
C VAL A 210 -9.22 5.32 12.18
N GLY A 211 -10.50 4.97 12.27
CA GLY A 211 -10.92 3.54 12.19
C GLY A 211 -10.87 3.01 10.75
N GLY A 212 -11.28 3.83 9.79
CA GLY A 212 -11.35 3.37 8.40
C GLY A 212 -9.96 3.08 7.84
N LEU A 213 -9.01 3.99 8.03
CA LEU A 213 -7.65 3.74 7.51
C LEU A 213 -6.87 2.80 8.43
N GLY A 214 -7.14 2.83 9.74
CA GLY A 214 -6.40 1.95 10.68
C GLY A 214 -6.69 0.46 10.52
N TYR A 215 -7.94 0.11 10.17
CA TYR A 215 -8.42 -1.29 10.15
C TYR A 215 -8.95 -1.77 8.80
N VAL A 216 -9.02 -0.88 7.79
CA VAL A 216 -9.46 -1.33 6.44
C VAL A 216 -8.51 -0.79 5.36
N GLY A 217 -8.37 0.51 5.28
CA GLY A 217 -7.47 1.12 4.27
C GLY A 217 -6.01 1.01 4.68
N VAL A 218 -5.52 -0.22 4.89
CA VAL A 218 -4.19 -0.47 5.51
C VAL A 218 -3.04 -0.04 4.58
N LYS A 219 -3.21 0.09 3.28
CA LYS A 219 -2.09 0.69 2.49
C LYS A 219 -1.82 2.15 2.90
N SER A 220 -2.71 2.85 3.58
CA SER A 220 -2.51 4.25 4.05
C SER A 220 -1.36 4.34 5.04
N GLY A 221 -1.00 3.23 5.72
CA GLY A 221 -0.01 3.28 6.79
C GLY A 221 -0.44 4.03 8.01
N PHE A 222 -1.70 3.89 8.40
CA PHE A 222 -2.24 4.44 9.64
C PHE A 222 -2.28 3.34 10.70
N PRO A 223 -2.00 3.69 11.95
CA PRO A 223 -1.92 2.70 13.03
C PRO A 223 -3.33 2.23 13.37
N PRO A 224 -3.51 0.94 13.75
CA PRO A 224 -2.43 -0.04 13.84
C PRO A 224 -2.23 -0.94 12.64
N GLY A 225 -2.90 -0.62 11.51
CA GLY A 225 -2.67 -1.32 10.26
C GLY A 225 -3.01 -2.78 10.33
N TYR A 226 -4.12 -3.08 11.03
CA TYR A 226 -4.61 -4.47 11.16
C TYR A 226 -5.92 -4.59 10.40
N LEU A 227 -5.87 -5.35 9.34
CA LEU A 227 -6.98 -5.49 8.37
C LEU A 227 -8.08 -6.39 8.98
N SER A 228 -9.18 -5.74 9.31
CA SER A 228 -10.36 -6.39 9.93
C SER A 228 -11.61 -5.51 9.81
N PHE A 229 -12.59 -5.98 9.04
CA PHE A 229 -13.94 -5.37 9.02
C PHE A 229 -14.55 -5.37 10.46
N GLU A 230 -14.40 -6.49 11.16
CA GLU A 230 -15.00 -6.67 12.52
C GLU A 230 -14.41 -5.66 13.50
N LEU A 231 -13.07 -5.47 13.50
CA LEU A 231 -12.46 -4.48 14.39
C LEU A 231 -12.80 -3.05 13.95
N SER A 232 -12.98 -2.78 12.66
CA SER A 232 -13.36 -1.43 12.24
C SER A 232 -14.76 -1.06 12.78
N ARG A 233 -15.67 -2.05 12.82
CA ARG A 233 -17.04 -1.86 13.41
C ARG A 233 -16.89 -1.62 14.91
N ARG A 234 -16.07 -2.42 15.61
CA ARG A 234 -15.90 -2.22 17.07
C ARG A 234 -15.32 -0.83 17.38
N HIS A 235 -14.31 -0.39 16.59
CA HIS A 235 -13.76 0.99 16.69
C HIS A 235 -14.89 2.00 16.61
N MET A 236 -15.75 1.91 15.59
CA MET A 236 -16.74 2.98 15.36
C MET A 236 -17.82 2.97 16.48
N TYR A 237 -18.18 1.79 16.96
CA TYR A 237 -19.09 1.68 18.13
C TYR A 237 -18.49 2.36 19.37
N ASN A 238 -17.22 2.07 19.69
CA ASN A 238 -16.52 2.65 20.85
C ASN A 238 -16.39 4.17 20.67
N ILE A 239 -16.13 4.63 19.43
CA ILE A 239 -16.02 6.07 19.17
C ILE A 239 -17.30 6.80 19.50
N ILE A 240 -18.43 6.28 19.06
CA ILE A 240 -19.77 6.88 19.32
C ILE A 240 -19.94 7.01 20.85
N GLN A 241 -19.67 5.93 21.58
CA GLN A 241 -19.79 5.94 23.07
C GLN A 241 -18.79 6.92 23.68
N ALA A 242 -17.54 6.95 23.19
CA ALA A 242 -16.53 7.88 23.72
C ALA A 242 -17.03 9.31 23.51
N HIS A 243 -17.62 9.61 22.34
CA HIS A 243 -18.10 10.98 22.09
C HIS A 243 -19.17 11.35 23.11
N ALA A 244 -20.14 10.46 23.29
CA ALA A 244 -21.29 10.71 24.21
C ALA A 244 -20.83 10.94 25.66
N ARG A 245 -19.90 10.13 26.13
CA ARG A 245 -19.38 10.22 27.51
C ARG A 245 -18.52 11.48 27.64
N ALA A 246 -17.72 11.84 26.62
CA ALA A 246 -16.95 13.11 26.64
C ALA A 246 -17.89 14.31 26.68
N TYR A 247 -18.94 14.29 25.90
CA TYR A 247 -19.92 15.36 25.89
C TYR A 247 -20.48 15.52 27.32
N ASP A 248 -20.93 14.42 27.92
CA ASP A 248 -21.49 14.47 29.30
C ASP A 248 -20.44 14.99 30.29
N GLY A 249 -19.20 14.53 30.15
CA GLY A 249 -18.05 14.95 30.95
C GLY A 249 -17.83 16.45 30.85
N ILE A 250 -17.72 16.98 29.63
CA ILE A 250 -17.54 18.45 29.43
C ILE A 250 -18.74 19.19 30.03
N LYS A 251 -19.96 18.73 29.76
CA LYS A 251 -21.16 19.45 30.24
C LYS A 251 -21.24 19.41 31.78
N SER A 252 -20.55 18.49 32.44
CA SER A 252 -20.51 18.45 33.94
C SER A 252 -19.70 19.64 34.50
N VAL A 253 -18.85 20.29 33.69
CA VAL A 253 -17.90 21.34 34.16
C VAL A 253 -18.14 22.67 33.42
N SER A 254 -18.84 22.67 32.29
CA SER A 254 -18.93 23.82 31.36
C SER A 254 -20.35 23.93 30.84
N LYS A 255 -20.82 25.14 30.52
CA LYS A 255 -22.10 25.39 29.83
C LYS A 255 -21.87 25.67 28.32
N LYS A 256 -20.63 25.64 27.83
CA LYS A 256 -20.32 26.04 26.44
C LYS A 256 -20.70 24.95 25.45
N PRO A 257 -20.86 25.32 24.15
CA PRO A 257 -21.23 24.35 23.12
C PRO A 257 -20.17 23.26 22.93
N VAL A 258 -20.64 22.02 22.70
CA VAL A 258 -19.82 20.80 22.49
C VAL A 258 -20.26 20.13 21.19
N GLY A 259 -19.33 20.05 20.26
CA GLY A 259 -19.63 19.46 18.94
C GLY A 259 -18.71 18.33 18.60
N ILE A 260 -18.63 17.99 17.31
CA ILE A 260 -17.68 17.00 16.80
C ILE A 260 -17.27 17.43 15.39
N ILE A 261 -16.07 17.03 15.01
CA ILE A 261 -15.50 17.36 13.67
C ILE A 261 -15.37 16.03 12.95
N TYR A 262 -15.87 15.91 11.72
CA TYR A 262 -16.01 14.64 11.01
C TYR A 262 -15.63 14.80 9.52
N ALA A 263 -15.04 13.76 8.94
CA ALA A 263 -14.49 13.79 7.55
C ALA A 263 -15.67 13.48 6.65
N ASN A 264 -15.96 14.41 5.74
CA ASN A 264 -17.07 14.24 4.76
C ASN A 264 -16.57 14.20 3.32
N SER A 265 -17.26 13.43 2.52
CA SER A 265 -17.15 13.47 1.04
C SER A 265 -18.51 13.85 0.51
N SER A 266 -18.53 14.50 -0.64
CA SER A 266 -19.79 14.69 -1.39
C SER A 266 -19.97 13.52 -2.34
N PHE A 267 -20.97 12.68 -2.06
CA PHE A 267 -21.26 11.50 -2.87
C PHE A 267 -22.05 11.93 -4.10
N GLN A 268 -21.53 11.55 -5.27
CA GLN A 268 -22.05 11.98 -6.59
C GLN A 268 -22.27 10.78 -7.48
N PRO A 269 -23.38 10.82 -8.27
CA PRO A 269 -23.76 9.71 -9.11
C PRO A 269 -22.96 9.66 -10.40
N LEU A 270 -22.44 8.49 -10.76
CA LEU A 270 -21.71 8.36 -12.02
C LEU A 270 -22.68 8.70 -13.18
N THR A 271 -23.90 8.16 -13.18
CA THR A 271 -24.98 8.44 -14.16
C THR A 271 -26.29 8.77 -13.43
N ASP A 272 -27.31 9.21 -14.17
CA ASP A 272 -28.60 9.59 -13.52
C ASP A 272 -29.33 8.36 -12.96
N LYS A 273 -28.81 7.13 -13.17
CA LYS A 273 -29.36 5.86 -12.60
C LYS A 273 -28.77 5.52 -11.22
N ASP A 274 -27.91 6.38 -10.65
CA ASP A 274 -27.08 6.03 -9.46
C ASP A 274 -27.49 6.87 -8.26
N MET A 275 -28.67 7.52 -8.28
CA MET A 275 -29.17 8.38 -7.17
C MET A 275 -29.40 7.53 -5.90
N GLU A 276 -29.87 6.29 -6.02
CA GLU A 276 -30.04 5.42 -4.83
C GLU A 276 -28.66 5.04 -4.28
N ALA A 277 -27.66 4.84 -5.13
CA ALA A 277 -26.29 4.55 -4.71
C ALA A 277 -25.77 5.72 -3.84
N VAL A 278 -26.01 6.96 -4.23
CA VAL A 278 -25.61 8.15 -3.44
C VAL A 278 -26.26 8.08 -2.05
N GLU A 279 -27.57 7.82 -1.99
CA GLU A 279 -28.27 7.78 -0.67
C GLU A 279 -27.70 6.68 0.24
N MET A 280 -27.39 5.53 -0.31
CA MET A 280 -26.81 4.36 0.41
C MET A 280 -25.41 4.72 0.90
N ALA A 281 -24.62 5.39 0.06
CA ALA A 281 -23.31 5.88 0.52
C ALA A 281 -23.43 6.91 1.63
N GLU A 282 -24.39 7.84 1.59
CA GLU A 282 -24.57 8.87 2.63
C GLU A 282 -25.00 8.20 3.96
N ASN A 283 -25.84 7.17 3.85
CA ASN A 283 -26.27 6.39 5.05
C ASN A 283 -25.05 5.71 5.66
N ASP A 284 -24.25 5.02 4.87
CA ASP A 284 -23.11 4.18 5.33
C ASP A 284 -21.97 5.04 5.90
N ASN A 285 -21.79 6.28 5.42
CA ASN A 285 -20.57 7.07 5.70
C ASN A 285 -20.86 8.28 6.60
N ARG A 286 -22.12 8.66 6.80
CA ARG A 286 -22.51 9.93 7.46
C ARG A 286 -23.69 9.75 8.44
N TRP A 287 -24.82 9.40 7.92
CA TRP A 287 -26.09 9.47 8.70
C TRP A 287 -26.06 8.41 9.80
N TRP A 288 -25.53 7.25 9.57
CA TRP A 288 -25.60 6.22 10.66
C TRP A 288 -24.89 6.79 11.89
N PHE A 289 -23.78 7.52 11.71
CA PHE A 289 -23.01 8.07 12.84
C PHE A 289 -23.78 9.18 13.55
N PHE A 290 -24.23 10.16 12.77
CA PHE A 290 -24.90 11.36 13.30
C PHE A 290 -26.27 10.95 13.88
N ASP A 291 -26.94 9.99 13.27
CA ASP A 291 -28.26 9.49 13.83
C ASP A 291 -28.00 8.90 15.23
N ALA A 292 -26.84 8.31 15.49
CA ALA A 292 -26.49 7.69 16.80
C ALA A 292 -26.32 8.79 17.85
N ILE A 293 -25.54 9.85 17.57
CA ILE A 293 -25.12 10.82 18.64
C ILE A 293 -26.11 11.99 18.74
N ILE A 294 -27.02 12.14 17.78
CA ILE A 294 -28.11 13.17 17.80
C ILE A 294 -29.42 12.49 18.23
N ARG A 295 -29.77 11.40 17.58
CA ARG A 295 -31.13 10.79 17.75
C ARG A 295 -31.04 9.57 18.66
N GLY A 296 -29.85 9.12 19.04
CA GLY A 296 -29.62 7.92 19.86
C GLY A 296 -29.96 6.64 19.14
N GLU A 297 -30.12 6.70 17.82
CA GLU A 297 -30.51 5.55 16.96
C GLU A 297 -29.27 4.76 16.56
N ILE A 298 -29.28 3.48 16.86
CA ILE A 298 -28.13 2.60 16.53
C ILE A 298 -28.69 1.21 16.26
N THR A 299 -27.99 0.47 15.42
CA THR A 299 -28.18 -0.98 15.16
C THR A 299 -27.20 -1.72 16.07
N ARG A 300 -27.72 -2.48 17.05
CA ARG A 300 -26.95 -3.48 17.83
C ARG A 300 -27.65 -4.85 17.71
N GLY A 301 -26.86 -5.88 17.40
CA GLY A 301 -27.32 -7.24 17.03
C GLY A 301 -28.51 -7.20 16.08
N ASN A 302 -28.36 -6.57 14.91
CA ASN A 302 -29.34 -6.62 13.79
C ASN A 302 -30.66 -5.93 14.14
N GLU A 303 -30.71 -5.14 15.23
CA GLU A 303 -31.94 -4.50 15.77
C GLU A 303 -31.80 -2.97 15.81
N LYS A 304 -32.80 -2.20 15.33
CA LYS A 304 -32.81 -0.71 15.36
C LYS A 304 -33.35 -0.25 16.72
N ILE A 305 -32.49 0.18 17.66
CA ILE A 305 -32.87 0.68 19.03
C ILE A 305 -32.51 2.15 19.20
N VAL A 306 -32.98 2.74 20.30
CA VAL A 306 -32.65 4.11 20.75
C VAL A 306 -31.96 3.97 22.11
N ARG A 307 -30.71 4.41 22.20
CA ARG A 307 -29.95 4.49 23.47
C ARG A 307 -30.17 5.89 24.04
N ASP A 308 -30.75 5.96 25.24
CA ASP A 308 -31.03 7.26 25.90
C ASP A 308 -29.72 7.96 26.29
N ASP A 309 -28.65 7.19 26.54
CA ASP A 309 -27.36 7.78 26.95
C ASP A 309 -26.62 8.35 25.71
N LEU A 310 -27.12 8.12 24.50
CA LEU A 310 -26.51 8.64 23.23
C LEU A 310 -27.31 9.79 22.65
N LYS A 311 -28.61 9.77 22.81
CA LYS A 311 -29.47 10.83 22.24
C LYS A 311 -29.09 12.24 22.75
N GLY A 312 -29.17 13.24 21.86
CA GLY A 312 -28.97 14.67 22.15
C GLY A 312 -27.54 15.07 22.47
N ARG A 313 -26.55 14.22 22.23
CA ARG A 313 -25.17 14.56 22.66
C ARG A 313 -24.45 15.34 21.52
N LEU A 314 -25.02 16.42 21.06
CA LEU A 314 -24.32 17.25 20.03
C LEU A 314 -24.95 18.63 19.91
N ASP A 315 -24.14 19.69 19.94
CA ASP A 315 -24.63 21.10 19.82
C ASP A 315 -24.27 21.66 18.44
N TRP A 316 -23.21 21.16 17.80
CA TRP A 316 -22.81 21.71 16.47
C TRP A 316 -22.05 20.65 15.67
N ILE A 317 -21.91 20.85 14.36
CA ILE A 317 -21.26 19.87 13.45
C ILE A 317 -20.07 20.58 12.78
N GLY A 318 -18.87 20.02 12.95
CA GLY A 318 -17.69 20.49 12.20
C GLY A 318 -17.58 19.72 10.89
N VAL A 319 -17.66 20.45 9.77
CA VAL A 319 -17.64 19.83 8.42
C VAL A 319 -16.20 19.91 7.91
N ASN A 320 -15.60 18.77 7.66
CA ASN A 320 -14.25 18.68 7.07
C ASN A 320 -14.44 18.18 5.64
N TYR A 321 -13.96 18.91 4.63
CA TYR A 321 -14.31 18.60 3.23
C TYR A 321 -13.06 18.89 2.38
N TYR A 322 -12.77 17.99 1.46
CA TYR A 322 -11.78 18.31 0.40
C TYR A 322 -12.22 17.83 -0.98
N THR A 323 -13.03 16.81 -1.17
CA THR A 323 -13.39 16.36 -2.54
C THR A 323 -14.64 15.51 -2.57
N ARG A 324 -15.01 15.06 -3.75
CA ARG A 324 -16.16 14.18 -3.93
C ARG A 324 -15.77 12.69 -3.93
N THR A 325 -16.78 11.82 -3.91
CA THR A 325 -16.67 10.39 -4.18
C THR A 325 -17.73 10.05 -5.22
N VAL A 326 -17.33 9.58 -6.36
CA VAL A 326 -18.28 9.13 -7.41
C VAL A 326 -18.66 7.65 -7.17
N VAL A 327 -19.98 7.39 -7.16
CA VAL A 327 -20.51 6.03 -6.89
C VAL A 327 -21.43 5.59 -8.00
N LYS A 328 -21.54 4.27 -8.14
CA LYS A 328 -22.58 3.67 -8.99
C LYS A 328 -23.22 2.46 -8.31
N ARG A 329 -24.48 2.27 -8.67
CA ARG A 329 -25.33 1.15 -8.20
C ARG A 329 -24.73 -0.13 -8.77
N THR A 330 -24.61 -1.15 -7.91
CA THR A 330 -24.21 -2.54 -8.26
C THR A 330 -25.41 -3.45 -7.91
N GLU A 331 -25.43 -4.64 -8.50
CA GLU A 331 -26.39 -5.74 -8.20
C GLU A 331 -26.47 -5.94 -6.67
N LYS A 332 -25.35 -5.90 -5.93
CA LYS A 332 -25.29 -6.17 -4.46
C LYS A 332 -25.27 -4.88 -3.60
N GLY A 333 -25.21 -3.68 -4.17
CA GLY A 333 -25.16 -2.42 -3.42
C GLY A 333 -24.64 -1.27 -4.29
N TYR A 334 -23.45 -0.79 -3.97
CA TYR A 334 -22.78 0.31 -4.73
C TYR A 334 -21.27 0.20 -4.58
N VAL A 335 -20.54 0.83 -5.50
CA VAL A 335 -19.05 0.92 -5.46
C VAL A 335 -18.67 2.39 -5.76
N SER A 336 -17.56 2.82 -5.18
CA SER A 336 -16.83 4.08 -5.50
C SER A 336 -16.03 3.87 -6.77
N LEU A 337 -15.87 4.91 -7.60
CA LEU A 337 -15.06 4.77 -8.83
C LEU A 337 -13.69 5.44 -8.68
N GLY A 338 -12.66 4.73 -9.14
CA GLY A 338 -11.31 5.26 -9.33
C GLY A 338 -11.29 6.30 -10.43
N GLY A 339 -10.34 7.23 -10.36
CA GLY A 339 -10.18 8.29 -11.36
C GLY A 339 -10.98 9.54 -11.05
N TYR A 340 -11.68 9.59 -9.93
CA TYR A 340 -12.42 10.76 -9.42
C TYR A 340 -12.09 10.97 -7.92
N GLY A 341 -12.36 12.13 -7.38
CA GLY A 341 -12.31 12.42 -5.94
C GLY A 341 -10.96 12.16 -5.35
N HIS A 342 -10.88 11.30 -4.32
CA HIS A 342 -9.54 11.07 -3.75
C HIS A 342 -8.77 9.99 -4.47
N GLY A 343 -9.27 9.38 -5.53
CA GLY A 343 -8.58 8.26 -6.18
C GLY A 343 -8.00 8.63 -7.52
N CYS A 344 -7.35 9.79 -7.60
CA CYS A 344 -6.79 10.27 -8.89
C CYS A 344 -5.28 10.19 -8.87
N GLU A 345 -4.66 10.33 -10.06
CA GLU A 345 -3.20 10.54 -10.14
C GLU A 345 -2.82 11.90 -9.56
N ARG A 346 -1.64 11.99 -8.94
CA ARG A 346 -1.12 13.27 -8.39
C ARG A 346 -0.78 14.23 -9.54
N ASN A 347 -1.07 15.51 -9.38
CA ASN A 347 -0.65 16.53 -10.39
C ASN A 347 -1.04 16.04 -11.78
N SER A 348 -2.34 15.85 -11.93
CA SER A 348 -2.93 15.42 -13.21
C SER A 348 -4.34 16.00 -13.30
N VAL A 349 -5.15 15.29 -14.08
CA VAL A 349 -6.58 15.57 -14.26
C VAL A 349 -7.35 14.30 -13.90
N SER A 350 -8.54 14.49 -13.41
CA SER A 350 -9.47 13.37 -13.15
C SER A 350 -10.07 12.86 -14.47
N LEU A 351 -10.86 11.80 -14.38
CA LEU A 351 -11.63 11.34 -15.55
C LEU A 351 -12.63 12.39 -16.03
N ALA A 352 -13.02 13.38 -15.23
CA ALA A 352 -13.95 14.48 -15.60
C ALA A 352 -13.18 15.70 -16.15
N GLY A 353 -11.89 15.60 -16.28
CA GLY A 353 -11.06 16.72 -16.78
C GLY A 353 -10.71 17.76 -15.74
N LEU A 354 -10.97 17.51 -14.44
CA LEU A 354 -10.72 18.48 -13.36
C LEU A 354 -9.31 18.28 -12.81
N PRO A 355 -8.62 19.36 -12.44
CA PRO A 355 -7.23 19.28 -11.96
C PRO A 355 -7.18 18.57 -10.60
N THR A 356 -6.10 17.83 -10.37
CA THR A 356 -5.87 17.16 -9.10
C THR A 356 -4.67 17.79 -8.37
N SER A 357 -4.64 17.65 -7.07
CA SER A 357 -3.67 18.27 -6.16
C SER A 357 -2.37 17.44 -6.15
N ASP A 358 -1.42 17.89 -5.35
CA ASP A 358 -0.16 17.14 -5.10
C ASP A 358 -0.48 15.79 -4.46
N PHE A 359 -1.66 15.63 -3.87
CA PHE A 359 -2.07 14.40 -3.16
C PHE A 359 -2.98 13.56 -4.05
N GLY A 360 -3.29 14.01 -5.27
CA GLY A 360 -4.19 13.26 -6.18
C GLY A 360 -5.66 13.43 -5.86
N TRP A 361 -6.05 14.57 -5.28
CA TRP A 361 -7.45 14.85 -4.92
C TRP A 361 -8.04 15.77 -5.98
N GLU A 362 -9.22 15.43 -6.49
CA GLU A 362 -9.95 16.24 -7.52
C GLU A 362 -10.56 17.53 -6.97
N PHE A 363 -10.41 18.62 -7.76
CA PHE A 363 -11.04 19.93 -7.54
C PHE A 363 -12.57 19.81 -7.69
N PHE A 364 -13.31 19.95 -6.58
CA PHE A 364 -14.79 19.80 -6.67
C PHE A 364 -15.49 20.62 -5.60
N PRO A 365 -15.43 21.94 -5.68
CA PRO A 365 -15.94 22.80 -4.63
C PRO A 365 -17.46 22.63 -4.42
N GLU A 366 -18.23 22.33 -5.49
CA GLU A 366 -19.72 22.25 -5.34
C GLU A 366 -20.04 21.17 -4.29
N GLY A 367 -19.18 20.19 -4.06
CA GLY A 367 -19.47 19.19 -3.02
C GLY A 367 -19.65 19.81 -1.67
N LEU A 368 -19.01 20.93 -1.35
CA LEU A 368 -19.07 21.52 0.00
C LEU A 368 -20.47 22.08 0.23
N TYR A 369 -21.07 22.67 -0.80
CA TYR A 369 -22.49 23.12 -0.73
C TYR A 369 -23.42 21.93 -0.50
N ASP A 370 -23.19 20.83 -1.22
CA ASP A 370 -23.95 19.57 -1.06
C ASP A 370 -23.87 19.12 0.41
N VAL A 371 -22.66 19.04 0.98
CA VAL A 371 -22.53 18.46 2.36
C VAL A 371 -23.16 19.41 3.40
N LEU A 372 -22.96 20.72 3.32
CA LEU A 372 -23.48 21.72 4.30
C LEU A 372 -25.02 21.70 4.27
N THR A 373 -25.62 21.67 3.07
CA THR A 373 -27.10 21.78 2.95
C THR A 373 -27.72 20.44 3.36
N LYS A 374 -27.09 19.33 3.04
CA LYS A 374 -27.61 18.00 3.46
C LYS A 374 -27.66 17.87 4.98
N TYR A 375 -26.60 18.26 5.67
CA TYR A 375 -26.54 18.27 7.13
C TYR A 375 -27.67 19.15 7.67
N TRP A 376 -27.78 20.36 7.14
CA TRP A 376 -28.73 21.39 7.64
C TRP A 376 -30.15 20.82 7.53
N ASN A 377 -30.47 20.31 6.37
CA ASN A 377 -31.84 19.80 6.08
C ASN A 377 -32.15 18.59 6.99
N ARG A 378 -31.20 17.73 7.28
CA ARG A 378 -31.53 16.59 8.17
C ARG A 378 -31.62 17.02 9.65
N TYR A 379 -30.70 17.80 10.20
CA TYR A 379 -30.55 17.96 11.67
C TYR A 379 -30.86 19.38 12.16
N HIS A 380 -30.79 20.41 11.30
CA HIS A 380 -30.89 21.84 11.67
C HIS A 380 -29.99 22.16 12.84
N LEU A 381 -28.78 21.60 12.91
CA LEU A 381 -27.73 22.03 13.85
C LEU A 381 -26.78 22.99 13.13
N TYR A 382 -26.31 24.01 13.83
CA TYR A 382 -25.33 24.97 13.22
C TYR A 382 -24.00 24.25 13.00
N MET A 383 -23.21 24.82 12.07
CA MET A 383 -21.99 24.18 11.53
C MET A 383 -20.87 25.19 11.42
N TYR A 384 -19.66 24.67 11.50
CA TYR A 384 -18.45 25.38 11.07
C TYR A 384 -17.84 24.52 9.97
N VAL A 385 -17.26 25.13 8.92
CA VAL A 385 -16.34 24.35 8.06
C VAL A 385 -15.02 24.32 8.81
N THR A 386 -14.74 23.18 9.47
CA THR A 386 -13.57 23.09 10.36
C THR A 386 -12.32 22.69 9.60
N GLU A 387 -12.45 22.26 8.34
CA GLU A 387 -11.25 21.89 7.56
C GLU A 387 -11.56 21.93 6.08
N ASN A 388 -10.72 22.62 5.33
CA ASN A 388 -10.81 22.65 3.84
C ASN A 388 -9.46 23.18 3.36
N GLY A 389 -8.79 22.42 2.53
CA GLY A 389 -7.52 22.89 1.93
C GLY A 389 -6.97 21.92 0.93
N ILE A 390 -5.75 22.17 0.45
CA ILE A 390 -5.19 21.48 -0.72
C ILE A 390 -3.68 21.35 -0.51
N ALA A 391 -3.15 20.23 -0.94
CA ALA A 391 -1.71 19.97 -0.97
C ALA A 391 -1.21 20.66 -2.25
N ASP A 392 -0.39 21.68 -2.08
CA ASP A 392 0.02 22.55 -3.23
C ASP A 392 1.23 23.38 -2.81
N ASP A 393 2.42 22.79 -2.89
CA ASP A 393 3.63 23.52 -2.43
C ASP A 393 3.87 24.75 -3.32
N ALA A 394 3.59 24.62 -4.61
CA ALA A 394 3.88 25.71 -5.59
C ALA A 394 2.87 26.85 -5.47
N ASP A 395 1.68 26.60 -4.94
CA ASP A 395 0.57 27.57 -4.79
C ASP A 395 -0.12 27.84 -6.11
N TYR A 396 -0.06 26.92 -7.04
CA TYR A 396 -0.70 27.11 -8.38
C TYR A 396 -2.22 27.12 -8.27
N GLN A 397 -2.79 26.16 -7.50
CA GLN A 397 -4.25 25.89 -7.47
C GLN A 397 -4.89 26.50 -6.25
N ARG A 398 -4.14 26.76 -5.19
CA ARG A 398 -4.69 27.15 -3.87
C ARG A 398 -5.49 28.45 -3.95
N PRO A 399 -5.12 29.49 -4.73
CA PRO A 399 -6.00 30.65 -4.75
C PRO A 399 -7.40 30.35 -5.28
N TYR A 400 -7.51 29.55 -6.35
CA TYR A 400 -8.77 29.09 -6.94
C TYR A 400 -9.49 28.21 -5.90
N TYR A 401 -8.74 27.33 -5.23
CA TYR A 401 -9.36 26.37 -4.30
C TYR A 401 -10.00 27.16 -3.18
N LEU A 402 -9.24 28.09 -2.61
CA LEU A 402 -9.70 28.89 -1.46
C LEU A 402 -10.96 29.69 -1.83
N VAL A 403 -10.92 30.49 -2.91
CA VAL A 403 -12.05 31.40 -3.20
C VAL A 403 -13.26 30.55 -3.61
N SER A 404 -13.08 29.49 -4.37
CA SER A 404 -14.19 28.63 -4.85
C SER A 404 -14.90 28.03 -3.64
N HIS A 405 -14.15 27.52 -2.67
CA HIS A 405 -14.80 26.84 -1.53
C HIS A 405 -15.49 27.88 -0.63
N VAL A 406 -14.90 29.04 -0.43
CA VAL A 406 -15.50 30.11 0.38
C VAL A 406 -16.83 30.53 -0.29
N TYR A 407 -16.84 30.65 -1.61
CA TYR A 407 -18.07 30.95 -2.38
C TYR A 407 -19.16 29.92 -2.04
N GLN A 408 -18.80 28.65 -1.99
CA GLN A 408 -19.81 27.56 -1.79
C GLN A 408 -20.37 27.67 -0.36
N VAL A 409 -19.59 28.12 0.60
CA VAL A 409 -20.14 28.33 1.97
C VAL A 409 -21.14 29.50 1.91
N HIS A 410 -20.77 30.58 1.23
CA HIS A 410 -21.69 31.74 1.00
C HIS A 410 -23.01 31.24 0.38
N ARG A 411 -22.93 30.34 -0.61
CA ARG A 411 -24.09 29.75 -1.29
C ARG A 411 -24.94 29.00 -0.24
N ALA A 412 -24.30 28.21 0.59
CA ALA A 412 -25.03 27.41 1.62
C ALA A 412 -25.77 28.36 2.59
N ILE A 413 -25.10 29.40 3.07
CA ILE A 413 -25.71 30.43 3.96
C ILE A 413 -26.91 31.03 3.22
N ASN A 414 -26.78 31.35 1.94
CA ASN A 414 -27.82 32.00 1.12
C ASN A 414 -29.03 31.06 1.03
N SER A 415 -28.81 29.74 0.97
CA SER A 415 -29.90 28.72 0.92
C SER A 415 -30.56 28.54 2.31
N GLY A 416 -30.03 29.13 3.36
CA GLY A 416 -30.63 29.14 4.70
C GLY A 416 -29.84 28.36 5.74
N ALA A 417 -28.74 27.66 5.38
CA ALA A 417 -27.95 26.87 6.35
C ALA A 417 -27.22 27.78 7.34
N ASP A 418 -27.20 27.42 8.62
CA ASP A 418 -26.52 28.19 9.67
C ASP A 418 -25.06 27.71 9.77
N VAL A 419 -24.18 28.36 9.01
CA VAL A 419 -22.70 28.10 8.99
C VAL A 419 -22.03 29.33 9.55
N ARG A 420 -21.20 29.17 10.59
CA ARG A 420 -20.73 30.30 11.44
C ARG A 420 -19.28 30.59 11.21
N GLY A 421 -18.61 29.78 10.38
CA GLY A 421 -17.20 30.10 10.13
C GLY A 421 -16.57 29.15 9.12
N TYR A 422 -15.41 29.54 8.63
CA TYR A 422 -14.61 28.77 7.64
C TYR A 422 -13.19 28.76 8.14
N LEU A 423 -12.67 27.57 8.39
CA LEU A 423 -11.32 27.37 8.92
C LEU A 423 -10.53 26.55 7.92
N HIS A 424 -9.53 27.20 7.33
CA HIS A 424 -8.68 26.63 6.29
C HIS A 424 -7.73 25.65 6.95
N TRP A 425 -7.45 24.59 6.24
CA TRP A 425 -6.37 23.62 6.55
C TRP A 425 -5.20 23.88 5.61
N SER A 426 -4.12 24.52 6.05
CA SER A 426 -3.87 25.00 7.40
C SER A 426 -3.16 26.34 7.34
N LEU A 427 -2.92 26.99 8.49
CA LEU A 427 -2.14 28.25 8.47
C LEU A 427 -0.77 27.98 7.83
N ALA A 428 -0.10 26.92 8.23
CA ALA A 428 1.28 26.60 7.83
C ALA A 428 1.34 25.11 7.48
N ASP A 429 2.35 24.76 6.68
CA ASP A 429 2.74 23.38 6.29
C ASP A 429 2.94 22.60 7.60
N ASN A 430 2.71 21.32 7.50
CA ASN A 430 2.82 20.47 8.72
C ASN A 430 3.09 19.03 8.31
N TYR A 431 3.26 18.16 9.31
CA TYR A 431 3.60 16.76 9.10
C TYR A 431 2.36 15.99 8.65
N GLU A 432 2.32 15.55 7.40
CA GLU A 432 1.10 14.90 6.84
C GLU A 432 1.14 13.40 7.11
N TRP A 433 1.06 13.06 8.40
CA TRP A 433 0.89 11.66 8.85
C TRP A 433 1.86 10.70 8.15
N ALA A 434 1.41 9.63 7.51
CA ALA A 434 2.26 8.58 6.91
C ALA A 434 3.03 9.12 5.69
N SER A 435 2.54 10.22 5.13
CA SER A 435 3.13 10.91 3.95
C SER A 435 4.31 11.81 4.32
N GLY A 436 4.42 12.21 5.58
CA GLY A 436 5.51 13.07 6.03
C GLY A 436 5.35 14.48 5.53
N PHE A 437 6.47 15.13 5.26
CA PHE A 437 6.47 16.61 5.07
C PHE A 437 6.22 17.01 3.60
N SER A 438 6.18 16.09 2.64
CA SER A 438 6.16 16.46 1.20
C SER A 438 4.80 17.08 0.84
N MET A 439 3.74 16.72 1.55
CA MET A 439 2.39 17.24 1.26
C MET A 439 2.19 18.54 2.02
N ARG A 440 2.15 19.68 1.33
CA ARG A 440 2.23 21.02 1.92
C ARG A 440 0.87 21.72 1.80
N PHE A 441 0.13 21.81 2.88
CA PHE A 441 -1.22 22.41 2.95
C PHE A 441 -1.29 23.86 3.39
N GLY A 442 -0.16 24.49 3.72
CA GLY A 442 -0.18 25.80 4.33
C GLY A 442 -0.55 26.96 3.40
N LEU A 443 -1.25 27.93 3.96
CA LEU A 443 -1.24 29.31 3.40
C LEU A 443 0.17 29.87 3.52
N LEU A 444 0.88 29.44 4.56
CA LEU A 444 2.30 29.79 4.82
C LEU A 444 3.19 28.58 4.57
N LYS A 445 4.22 28.79 3.77
CA LYS A 445 5.23 27.80 3.46
C LYS A 445 6.23 27.76 4.60
N VAL A 446 6.59 26.54 5.03
CA VAL A 446 7.59 26.35 6.12
C VAL A 446 8.93 25.90 5.53
N ASP A 447 10.03 26.59 5.84
CA ASP A 447 11.37 26.07 5.61
C ASP A 447 11.67 25.19 6.84
N TYR A 448 11.71 23.89 6.69
CA TYR A 448 11.86 22.98 7.88
C TYR A 448 13.29 23.08 8.42
N ASN A 449 14.26 23.56 7.65
CA ASN A 449 15.63 23.74 8.18
C ASN A 449 15.67 24.85 9.24
N THR A 450 14.94 25.93 9.05
CA THR A 450 15.06 27.17 9.86
C THR A 450 13.79 27.41 10.66
N LYS A 451 12.68 26.74 10.29
CA LYS A 451 11.32 26.97 10.86
C LYS A 451 10.76 28.34 10.46
N ARG A 452 11.36 29.01 9.45
CA ARG A 452 10.85 30.31 8.96
C ARG A 452 9.53 30.10 8.18
N LEU A 453 8.58 31.02 8.31
CA LEU A 453 7.28 30.97 7.62
C LEU A 453 7.32 32.02 6.50
N TYR A 454 6.85 31.65 5.32
CA TYR A 454 6.71 32.56 4.15
C TYR A 454 5.25 32.63 3.73
N TRP A 455 4.83 33.78 3.25
CA TRP A 455 3.46 33.95 2.72
C TRP A 455 3.37 33.45 1.27
N ARG A 456 2.62 32.37 1.02
CA ARG A 456 2.26 32.04 -0.38
C ARG A 456 1.25 33.10 -0.82
N PRO A 457 1.16 33.36 -2.16
CA PRO A 457 0.20 34.35 -2.65
C PRO A 457 -1.23 34.05 -2.16
N SER A 458 -1.62 32.78 -2.00
CA SER A 458 -2.94 32.42 -1.46
C SER A 458 -3.13 33.03 -0.04
N ALA A 459 -2.08 33.24 0.76
CA ALA A 459 -2.18 33.90 2.09
C ALA A 459 -2.56 35.38 1.90
N LEU A 460 -2.02 36.05 0.86
CA LEU A 460 -2.45 37.43 0.56
C LEU A 460 -3.92 37.43 0.11
N VAL A 461 -4.36 36.43 -0.66
CA VAL A 461 -5.78 36.34 -1.09
C VAL A 461 -6.67 36.12 0.14
N TYR A 462 -6.23 35.27 1.05
CA TYR A 462 -7.06 34.99 2.25
C TYR A 462 -7.13 36.24 3.12
N ARG A 463 -6.06 37.00 3.23
CA ARG A 463 -6.09 38.28 3.98
C ARG A 463 -7.17 39.19 3.38
N GLU A 464 -7.28 39.27 2.05
CA GLU A 464 -8.36 40.08 1.41
C GLU A 464 -9.70 39.62 1.90
N ILE A 465 -9.91 38.30 1.88
CA ILE A 465 -11.23 37.71 2.25
C ILE A 465 -11.51 38.01 3.74
N ALA A 466 -10.56 37.72 4.61
CA ALA A 466 -10.81 37.76 6.08
C ALA A 466 -10.95 39.23 6.55
N THR A 467 -10.16 40.15 6.03
CA THR A 467 -10.17 41.56 6.46
C THR A 467 -11.44 42.24 5.95
N ASN A 468 -12.01 41.83 4.83
CA ASN A 468 -13.25 42.44 4.30
C ASN A 468 -14.47 41.62 4.70
N GLY A 469 -14.32 40.44 5.30
CA GLY A 469 -15.46 39.54 5.52
C GLY A 469 -16.23 39.26 4.23
N ALA A 470 -15.54 39.09 3.10
CA ALA A 470 -16.19 38.89 1.80
C ALA A 470 -15.19 38.37 0.76
N ILE A 471 -15.69 37.68 -0.25
CA ILE A 471 -14.96 37.60 -1.54
C ILE A 471 -15.19 38.98 -2.20
N THR A 472 -14.13 39.75 -2.29
CA THR A 472 -14.17 41.15 -2.84
C THR A 472 -14.32 41.06 -4.36
N ASP A 473 -14.81 42.13 -4.96
CA ASP A 473 -14.93 42.24 -6.44
C ASP A 473 -13.62 41.89 -7.14
N GLU A 474 -12.51 42.35 -6.57
CA GLU A 474 -11.17 42.30 -7.21
C GLU A 474 -10.79 40.82 -7.39
N ILE A 475 -11.26 39.91 -6.51
CA ILE A 475 -10.72 38.51 -6.52
C ILE A 475 -11.78 37.52 -6.93
N GLU A 476 -12.94 37.94 -7.41
CA GLU A 476 -14.09 37.07 -7.71
C GLU A 476 -13.80 36.12 -8.86
N HIS A 477 -12.83 36.43 -9.73
CA HIS A 477 -12.49 35.58 -10.90
C HIS A 477 -11.90 34.26 -10.38
N LEU A 478 -11.42 34.26 -9.15
CA LEU A 478 -10.78 33.02 -8.61
C LEU A 478 -11.86 32.02 -8.19
N ASN A 479 -13.13 32.40 -8.25
CA ASN A 479 -14.25 31.45 -8.09
C ASN A 479 -14.39 30.66 -9.41
N SER A 480 -13.42 29.79 -9.75
CA SER A 480 -13.34 29.11 -11.05
C SER A 480 -12.35 27.96 -10.90
N VAL A 481 -12.33 27.10 -11.88
CA VAL A 481 -11.43 25.92 -11.94
C VAL A 481 -10.05 26.38 -12.38
N PRO A 482 -8.98 25.99 -11.67
CA PRO A 482 -7.62 26.30 -12.14
C PRO A 482 -7.49 25.86 -13.59
N PRO A 483 -6.99 26.74 -14.51
CA PRO A 483 -6.81 26.29 -15.88
C PRO A 483 -5.91 25.04 -16.00
N VAL A 484 -6.38 24.02 -16.69
CA VAL A 484 -5.65 22.74 -16.81
C VAL A 484 -4.58 22.79 -17.94
N LYS A 485 -4.75 23.61 -19.00
CA LYS A 485 -3.80 23.55 -20.15
C LYS A 485 -2.36 23.76 -19.68
N PRO A 486 -2.04 24.68 -18.76
CA PRO A 486 -0.64 24.87 -18.34
C PRO A 486 -0.13 23.87 -17.28
N LEU A 487 -1.03 23.09 -16.70
CA LEU A 487 -0.70 22.11 -15.63
C LEU A 487 -0.36 20.77 -16.26
N ARG A 488 0.27 19.92 -15.45
CA ARG A 488 0.59 18.53 -15.85
C ARG A 488 -0.72 17.79 -16.11
N HIS A 489 -0.72 16.99 -17.19
CA HIS A 489 -1.62 15.82 -17.42
C HIS A 489 -0.79 14.50 -17.25
N MET B 1 24.45 -6.47 -37.87
CA MET B 1 23.96 -7.79 -37.40
C MET B 1 24.56 -8.09 -36.03
N TYR B 2 23.85 -8.86 -35.20
CA TYR B 2 24.37 -9.47 -33.96
C TYR B 2 23.89 -10.92 -33.97
N SER B 3 24.76 -11.84 -34.36
CA SER B 3 24.46 -13.27 -34.58
C SER B 3 24.68 -14.05 -33.27
N PHE B 4 23.82 -15.03 -33.01
CA PHE B 4 23.91 -15.87 -31.81
C PHE B 4 24.52 -17.21 -32.22
N PRO B 5 25.19 -17.91 -31.29
CA PRO B 5 25.65 -19.27 -31.55
C PRO B 5 24.49 -20.14 -32.05
N ASN B 6 24.83 -21.16 -32.82
CA ASN B 6 23.84 -22.05 -33.50
C ASN B 6 23.00 -22.81 -32.46
N SER B 7 23.59 -23.04 -31.28
CA SER B 7 22.96 -23.80 -30.17
C SER B 7 22.02 -22.91 -29.32
N PHE B 8 22.09 -21.60 -29.48
CA PHE B 8 21.34 -20.63 -28.66
C PHE B 8 19.86 -20.66 -29.04
N ARG B 9 18.98 -20.64 -28.03
CA ARG B 9 17.53 -20.77 -28.27
C ARG B 9 16.80 -19.52 -27.79
N PHE B 10 15.86 -19.06 -28.60
CA PHE B 10 14.92 -17.95 -28.31
C PHE B 10 13.59 -18.59 -27.97
N GLY B 11 12.97 -18.12 -26.89
CA GLY B 11 11.60 -18.58 -26.58
C GLY B 11 10.97 -17.74 -25.52
N TRP B 12 10.15 -18.37 -24.68
CA TRP B 12 9.30 -17.62 -23.73
C TRP B 12 9.17 -18.40 -22.43
N SER B 13 8.81 -17.65 -21.40
CA SER B 13 8.42 -18.18 -20.06
C SER B 13 6.96 -17.82 -19.73
N GLN B 14 6.35 -18.67 -18.91
CA GLN B 14 4.93 -18.58 -18.58
C GLN B 14 4.72 -19.25 -17.22
N ALA B 15 3.71 -18.83 -16.46
CA ALA B 15 3.43 -19.37 -15.12
C ALA B 15 2.02 -19.98 -15.15
N GLY B 16 1.80 -21.05 -14.38
CA GLY B 16 0.47 -21.69 -14.40
C GLY B 16 -0.64 -20.79 -13.88
N PHE B 17 -0.48 -20.26 -12.69
CA PHE B 17 -1.54 -19.47 -12.06
C PHE B 17 -1.92 -18.26 -12.94
N GLN B 18 -0.93 -17.68 -13.63
CA GLN B 18 -1.16 -16.42 -14.41
C GLN B 18 -1.79 -16.71 -15.77
N SER B 19 -1.60 -17.89 -16.35
CA SER B 19 -2.03 -18.21 -17.75
C SER B 19 -3.06 -19.34 -17.89
N GLU B 20 -3.14 -20.32 -16.95
CA GLU B 20 -3.92 -21.55 -17.28
C GLU B 20 -5.43 -21.30 -17.31
N MET B 21 -5.97 -20.60 -16.31
CA MET B 21 -7.44 -20.47 -16.13
C MET B 21 -8.03 -19.52 -17.16
N GLY B 22 -9.30 -19.75 -17.49
CA GLY B 22 -10.15 -18.88 -18.31
C GLY B 22 -11.05 -19.67 -19.25
N THR B 23 -10.75 -20.95 -19.49
CA THR B 23 -11.55 -21.89 -20.33
C THR B 23 -12.40 -22.80 -19.43
N PRO B 24 -13.54 -23.33 -19.91
CA PRO B 24 -14.43 -24.13 -19.05
C PRO B 24 -13.67 -25.31 -18.44
N GLY B 25 -13.84 -25.55 -17.13
CA GLY B 25 -13.21 -26.69 -16.44
C GLY B 25 -11.78 -26.48 -16.03
N SER B 26 -11.20 -25.29 -16.18
CA SER B 26 -9.78 -25.02 -15.88
C SER B 26 -9.57 -24.53 -14.45
N GLU B 27 -10.64 -24.25 -13.70
CA GLU B 27 -10.52 -23.53 -12.41
C GLU B 27 -9.70 -24.37 -11.41
N ASP B 28 -8.74 -23.75 -10.76
CA ASP B 28 -7.97 -24.30 -9.62
C ASP B 28 -8.20 -23.38 -8.45
N PRO B 29 -9.21 -23.71 -7.60
CA PRO B 29 -9.48 -22.87 -6.45
C PRO B 29 -8.71 -23.22 -5.18
N ASN B 30 -7.69 -24.05 -5.30
CA ASN B 30 -7.09 -24.70 -4.11
C ASN B 30 -5.71 -24.15 -3.76
N THR B 31 -5.35 -22.91 -4.10
CA THR B 31 -4.08 -22.29 -3.70
C THR B 31 -4.24 -21.17 -2.69
N ASP B 32 -3.16 -20.81 -1.99
CA ASP B 32 -3.09 -19.61 -1.16
C ASP B 32 -3.43 -18.39 -2.05
N TRP B 33 -2.81 -18.33 -3.21
CA TRP B 33 -3.00 -17.14 -4.13
C TRP B 33 -4.47 -17.02 -4.56
N TYR B 34 -5.13 -18.12 -4.87
CA TYR B 34 -6.57 -18.08 -5.23
C TYR B 34 -7.36 -17.49 -4.08
N LYS B 35 -7.20 -18.00 -2.86
CA LYS B 35 -7.97 -17.45 -1.71
C LYS B 35 -7.61 -15.99 -1.45
N TRP B 36 -6.34 -15.64 -1.60
CA TRP B 36 -5.83 -14.28 -1.38
C TRP B 36 -6.57 -13.26 -2.28
N VAL B 37 -6.65 -13.55 -3.56
CA VAL B 37 -7.18 -12.54 -4.54
C VAL B 37 -8.70 -12.55 -4.52
N HIS B 38 -9.35 -13.54 -3.88
CA HIS B 38 -10.82 -13.53 -3.69
C HIS B 38 -11.25 -12.98 -2.32
N ASP B 39 -10.31 -12.64 -1.46
CA ASP B 39 -10.59 -12.29 -0.05
C ASP B 39 -11.30 -10.94 -0.02
N PRO B 40 -12.50 -10.78 0.56
CA PRO B 40 -13.17 -9.48 0.61
C PRO B 40 -12.43 -8.33 1.31
N GLU B 41 -11.73 -8.63 2.41
CA GLU B 41 -10.93 -7.61 3.12
C GLU B 41 -9.78 -7.16 2.21
N ASN B 42 -9.06 -8.08 1.59
CA ASN B 42 -7.93 -7.69 0.70
C ASN B 42 -8.48 -6.78 -0.42
N MET B 43 -9.65 -7.12 -0.97
CA MET B 43 -10.23 -6.30 -2.05
C MET B 43 -10.64 -4.91 -1.52
N ALA B 44 -11.26 -4.81 -0.34
CA ALA B 44 -11.68 -3.52 0.25
C ALA B 44 -10.46 -2.65 0.55
N ALA B 45 -9.34 -3.23 0.96
CA ALA B 45 -8.09 -2.50 1.25
C ALA B 45 -7.39 -2.08 -0.05
N GLY B 46 -7.77 -2.63 -1.20
CA GLY B 46 -7.02 -2.36 -2.43
C GLY B 46 -5.68 -3.04 -2.44
N LEU B 47 -5.46 -4.07 -1.59
CA LEU B 47 -4.23 -4.89 -1.68
C LEU B 47 -4.22 -5.69 -2.98
N VAL B 48 -5.39 -6.13 -3.41
CA VAL B 48 -5.55 -6.87 -4.67
C VAL B 48 -6.54 -6.09 -5.52
N SER B 49 -6.49 -6.38 -6.82
CA SER B 49 -7.14 -5.54 -7.86
C SER B 49 -8.64 -5.77 -7.89
N GLY B 50 -9.11 -6.94 -7.52
CA GLY B 50 -10.51 -7.34 -7.71
C GLY B 50 -10.68 -8.15 -8.97
N ASP B 51 -9.68 -8.17 -9.86
CA ASP B 51 -9.69 -9.09 -11.01
C ASP B 51 -9.41 -10.49 -10.49
N LEU B 52 -9.97 -11.51 -11.15
CA LEU B 52 -9.86 -12.90 -10.66
C LEU B 52 -9.24 -13.75 -11.76
N PRO B 53 -8.32 -14.67 -11.38
CA PRO B 53 -7.56 -15.46 -12.35
C PRO B 53 -8.40 -16.42 -13.22
N GLU B 54 -9.57 -16.83 -12.72
CA GLU B 54 -10.46 -17.74 -13.46
C GLU B 54 -11.00 -17.05 -14.73
N ASN B 55 -10.86 -15.73 -14.84
CA ASN B 55 -11.23 -14.97 -16.08
C ASN B 55 -10.01 -14.76 -16.98
N GLY B 56 -8.97 -15.60 -16.88
CA GLY B 56 -7.67 -15.37 -17.56
C GLY B 56 -7.63 -15.85 -19.01
N PRO B 57 -6.39 -16.03 -19.52
CA PRO B 57 -6.21 -16.26 -20.96
C PRO B 57 -6.45 -17.71 -21.44
N GLY B 58 -6.68 -18.65 -20.50
CA GLY B 58 -7.16 -19.96 -20.93
C GLY B 58 -6.15 -20.89 -21.56
N TYR B 59 -4.91 -20.86 -21.12
CA TYR B 59 -3.89 -21.79 -21.64
C TYR B 59 -4.28 -23.24 -21.36
N TRP B 60 -4.93 -23.53 -20.21
CA TRP B 60 -5.37 -24.92 -19.91
C TRP B 60 -6.12 -25.54 -21.08
N GLY B 61 -7.08 -24.81 -21.64
CA GLY B 61 -7.89 -25.28 -22.75
C GLY B 61 -7.30 -24.95 -24.12
N ASN B 62 -6.58 -23.82 -24.27
CA ASN B 62 -6.19 -23.27 -25.60
C ASN B 62 -4.71 -23.40 -25.87
N TYR B 63 -4.00 -24.28 -25.17
CA TYR B 63 -2.53 -24.43 -25.25
C TYR B 63 -2.11 -24.69 -26.71
N LYS B 64 -2.87 -25.43 -27.53
CA LYS B 64 -2.47 -25.71 -28.95
C LYS B 64 -2.33 -24.41 -29.74
N THR B 65 -3.25 -23.49 -29.55
CA THR B 65 -3.25 -22.15 -30.17
C THR B 65 -2.03 -21.38 -29.70
N PHE B 66 -1.72 -21.39 -28.40
CA PHE B 66 -0.50 -20.72 -27.88
C PHE B 66 0.70 -21.33 -28.62
N HIS B 67 0.78 -22.65 -28.68
CA HIS B 67 1.96 -23.35 -29.28
C HIS B 67 2.03 -23.03 -30.78
N ASP B 68 0.90 -22.99 -31.47
CA ASP B 68 0.81 -22.67 -32.93
C ASP B 68 1.48 -21.30 -33.18
N ASN B 69 1.14 -20.30 -32.37
CA ASN B 69 1.68 -18.92 -32.47
C ASN B 69 3.18 -18.96 -32.18
N ALA B 70 3.61 -19.62 -31.11
CA ALA B 70 5.03 -19.75 -30.74
C ALA B 70 5.83 -20.38 -31.91
N GLN B 71 5.30 -21.45 -32.50
CA GLN B 71 5.97 -22.13 -33.65
C GLN B 71 6.12 -21.13 -34.84
N LYS B 72 5.04 -20.47 -35.24
CA LYS B 72 5.03 -19.44 -36.33
C LYS B 72 6.02 -18.32 -36.03
N MET B 73 6.24 -18.01 -34.76
CA MET B 73 7.17 -16.95 -34.33
C MET B 73 8.61 -17.48 -34.33
N GLY B 74 8.84 -18.77 -34.66
CA GLY B 74 10.19 -19.34 -34.69
C GLY B 74 10.78 -19.69 -33.34
N LEU B 75 10.01 -19.78 -32.26
CA LEU B 75 10.60 -20.01 -30.92
C LEU B 75 11.03 -21.47 -30.77
N LYS B 76 12.07 -21.70 -30.01
CA LYS B 76 12.71 -23.04 -29.86
C LYS B 76 12.81 -23.47 -28.40
N ILE B 77 12.36 -22.68 -27.44
CA ILE B 77 12.48 -23.07 -26.01
C ILE B 77 11.28 -22.49 -25.26
N ALA B 78 10.84 -23.20 -24.22
CA ALA B 78 9.71 -22.74 -23.39
C ALA B 78 10.01 -23.16 -21.96
N ARG B 79 9.72 -22.29 -21.00
CA ARG B 79 9.82 -22.61 -19.58
C ARG B 79 8.44 -22.37 -18.98
N LEU B 80 7.91 -23.40 -18.32
CA LEU B 80 6.48 -23.51 -17.91
C LEU B 80 6.58 -24.13 -16.52
N ASN B 81 5.59 -24.00 -15.65
CA ASN B 81 5.56 -24.77 -14.37
C ASN B 81 4.32 -25.64 -14.29
N VAL B 82 4.42 -26.70 -13.48
CA VAL B 82 3.24 -27.47 -12.99
C VAL B 82 2.76 -26.80 -11.70
N GLU B 83 1.44 -26.68 -11.52
CA GLU B 83 0.91 -26.13 -10.28
C GLU B 83 0.72 -27.31 -9.28
N TRP B 84 1.49 -27.26 -8.22
CA TRP B 84 1.44 -28.23 -7.07
C TRP B 84 -0.03 -28.46 -6.67
N SER B 85 -0.82 -27.40 -6.56
CA SER B 85 -2.24 -27.54 -6.12
C SER B 85 -3.07 -28.38 -7.07
N ARG B 86 -2.78 -28.44 -8.38
CA ARG B 86 -3.59 -29.19 -9.35
C ARG B 86 -3.30 -30.68 -9.14
N ILE B 87 -2.06 -30.99 -8.81
CA ILE B 87 -1.60 -32.41 -8.67
C ILE B 87 -2.04 -32.89 -7.29
N PHE B 88 -1.86 -32.10 -6.26
CA PHE B 88 -2.20 -32.52 -4.86
C PHE B 88 -3.16 -31.49 -4.25
N PRO B 89 -4.43 -31.54 -4.63
CA PRO B 89 -5.41 -30.58 -4.08
C PRO B 89 -5.83 -30.84 -2.63
N ASN B 90 -5.64 -32.08 -2.21
CA ASN B 90 -5.97 -32.59 -0.85
C ASN B 90 -4.69 -32.94 -0.12
N PRO B 91 -4.65 -32.92 1.23
CA PRO B 91 -3.45 -33.14 1.98
C PRO B 91 -2.91 -34.57 1.84
N LEU B 92 -1.61 -34.67 1.96
CA LEU B 92 -0.91 -35.98 1.95
C LEU B 92 -0.82 -36.45 3.40
N PRO B 93 -0.62 -37.76 3.62
CA PRO B 93 -0.41 -38.26 4.98
C PRO B 93 0.85 -37.64 5.60
N ARG B 94 0.80 -37.29 6.90
CA ARG B 94 1.97 -36.77 7.67
C ARG B 94 3.09 -37.78 7.59
N PRO B 95 4.33 -37.37 7.28
CA PRO B 95 5.43 -38.32 7.15
C PRO B 95 5.84 -38.86 8.52
N GLN B 96 6.23 -40.14 8.59
CA GLN B 96 6.95 -40.75 9.74
C GLN B 96 8.43 -40.38 9.58
N ASN B 97 9.22 -40.46 10.66
CA ASN B 97 10.65 -40.03 10.69
C ASN B 97 10.71 -38.58 10.21
N PHE B 98 10.02 -37.66 10.92
CA PHE B 98 10.03 -36.19 10.67
C PHE B 98 9.63 -35.41 11.93
N ASP B 99 10.54 -34.58 12.46
CA ASP B 99 10.30 -33.70 13.63
C ASP B 99 10.15 -32.23 13.18
N GLU B 100 8.95 -31.65 13.34
CA GLU B 100 8.60 -30.27 12.86
C GLU B 100 9.37 -29.20 13.64
N SER B 101 9.88 -29.49 14.84
CA SER B 101 10.55 -28.52 15.75
C SER B 101 12.01 -28.27 15.31
N LYS B 102 12.60 -29.18 14.55
CA LYS B 102 14.00 -29.09 14.06
C LYS B 102 14.10 -28.04 12.96
N GLN B 103 15.14 -27.19 13.06
CA GLN B 103 15.36 -25.99 12.22
C GLN B 103 15.83 -26.46 10.85
N ASP B 104 16.74 -27.44 10.83
CA ASP B 104 17.42 -27.92 9.61
C ASP B 104 16.73 -29.15 9.04
N VAL B 105 16.60 -29.18 7.71
CA VAL B 105 16.18 -30.36 6.91
C VAL B 105 17.34 -30.74 6.00
N THR B 106 18.14 -31.74 6.39
CA THR B 106 19.42 -32.08 5.71
C THR B 106 19.23 -33.24 4.73
N GLU B 107 18.13 -34.01 4.82
CA GLU B 107 17.81 -35.10 3.88
C GLU B 107 16.32 -35.37 3.91
N VAL B 108 15.81 -35.73 2.76
CA VAL B 108 14.44 -36.27 2.57
C VAL B 108 14.55 -37.53 1.75
N GLU B 109 14.29 -38.66 2.38
CA GLU B 109 14.45 -39.96 1.70
C GLU B 109 13.24 -40.16 0.79
N ILE B 110 13.47 -40.39 -0.48
CA ILE B 110 12.43 -40.76 -1.46
C ILE B 110 12.98 -41.96 -2.22
N ASN B 111 12.20 -43.04 -2.31
CA ASN B 111 12.55 -44.27 -3.05
C ASN B 111 11.34 -44.57 -3.88
N GLU B 112 11.43 -45.58 -4.74
CA GLU B 112 10.36 -45.94 -5.69
C GLU B 112 9.08 -46.30 -4.92
N ASN B 113 9.16 -46.96 -3.76
CA ASN B 113 7.93 -47.33 -2.98
C ASN B 113 7.20 -46.06 -2.54
N GLU B 114 7.94 -45.08 -2.02
CA GLU B 114 7.41 -43.76 -1.55
C GLU B 114 6.74 -43.06 -2.75
N LEU B 115 7.33 -43.13 -3.95
CA LEU B 115 6.75 -42.48 -5.15
C LEU B 115 5.46 -43.17 -5.57
N LYS B 116 5.36 -44.50 -5.50
CA LYS B 116 4.13 -45.21 -5.91
C LYS B 116 3.01 -44.93 -4.90
N ARG B 117 3.36 -44.69 -3.64
CA ARG B 117 2.39 -44.27 -2.56
C ARG B 117 1.91 -42.84 -2.87
N LEU B 118 2.82 -41.91 -3.13
CA LEU B 118 2.39 -40.53 -3.50
C LEU B 118 1.47 -40.57 -4.70
N ASP B 119 1.78 -41.42 -5.67
CA ASP B 119 0.99 -41.56 -6.91
C ASP B 119 -0.49 -41.87 -6.60
N GLU B 120 -0.80 -42.56 -5.49
CA GLU B 120 -2.19 -42.86 -5.14
C GLU B 120 -2.95 -41.56 -4.83
N TYR B 121 -2.27 -40.54 -4.38
CA TYR B 121 -2.95 -39.27 -3.97
C TYR B 121 -2.97 -38.22 -5.09
N ALA B 122 -2.24 -38.43 -6.17
CA ALA B 122 -2.12 -37.40 -7.23
C ALA B 122 -3.40 -37.38 -8.08
N ASN B 123 -3.82 -36.19 -8.47
CA ASN B 123 -4.98 -36.05 -9.36
C ASN B 123 -4.60 -36.54 -10.76
N LYS B 124 -5.23 -37.62 -11.23
CA LYS B 124 -4.88 -38.25 -12.53
C LYS B 124 -5.33 -37.38 -13.72
N ASP B 125 -6.47 -36.68 -13.64
CA ASP B 125 -6.94 -35.76 -14.70
C ASP B 125 -5.92 -34.63 -14.89
N ALA B 126 -5.40 -34.05 -13.81
CA ALA B 126 -4.40 -32.97 -13.95
C ALA B 126 -3.12 -33.55 -14.58
N LEU B 127 -2.65 -34.70 -14.10
CA LEU B 127 -1.37 -35.27 -14.60
C LEU B 127 -1.49 -35.58 -16.09
N ASN B 128 -2.62 -36.16 -16.51
CA ASN B 128 -2.87 -36.57 -17.92
C ASN B 128 -2.94 -35.29 -18.77
N HIS B 129 -3.62 -34.25 -18.26
CA HIS B 129 -3.75 -32.98 -19.01
C HIS B 129 -2.37 -32.35 -19.18
N TYR B 130 -1.57 -32.24 -18.13
CA TYR B 130 -0.19 -31.71 -18.23
C TYR B 130 0.63 -32.54 -19.23
N ARG B 131 0.47 -33.87 -19.25
CA ARG B 131 1.22 -34.68 -20.26
C ARG B 131 0.82 -34.28 -21.70
N GLU B 132 -0.47 -34.03 -21.92
CA GLU B 132 -1.00 -33.63 -23.24
C GLU B 132 -0.42 -32.26 -23.63
N ILE B 133 -0.38 -31.31 -22.70
CA ILE B 133 0.20 -29.95 -22.99
C ILE B 133 1.68 -30.13 -23.34
N PHE B 134 2.44 -30.86 -22.53
CA PHE B 134 3.91 -30.98 -22.65
C PHE B 134 4.25 -31.79 -23.92
N LYS B 135 3.43 -32.79 -24.33
CA LYS B 135 3.67 -33.54 -25.58
C LYS B 135 3.46 -32.61 -26.78
N ASP B 136 2.40 -31.79 -26.74
CA ASP B 136 2.11 -30.86 -27.86
C ASP B 136 3.27 -29.88 -27.96
N LEU B 137 3.77 -29.42 -26.81
CA LEU B 137 4.90 -28.46 -26.75
C LEU B 137 6.11 -29.11 -27.44
N LYS B 138 6.47 -30.34 -27.05
CA LYS B 138 7.65 -31.07 -27.59
C LYS B 138 7.47 -31.30 -29.09
N SER B 139 6.25 -31.52 -29.57
CA SER B 139 5.97 -31.79 -31.00
C SER B 139 6.25 -30.55 -31.89
N ARG B 140 6.39 -29.34 -31.34
CA ARG B 140 6.73 -28.14 -32.14
C ARG B 140 8.26 -28.01 -32.27
N GLY B 141 9.02 -28.94 -31.73
CA GLY B 141 10.49 -28.82 -31.56
C GLY B 141 10.89 -27.79 -30.52
N LEU B 142 10.04 -27.53 -29.53
CA LEU B 142 10.39 -26.66 -28.39
C LEU B 142 11.20 -27.49 -27.37
N TYR B 143 12.37 -27.01 -26.99
CA TYR B 143 13.18 -27.45 -25.84
C TYR B 143 12.45 -27.03 -24.56
N PHE B 144 12.35 -27.94 -23.59
CA PHE B 144 11.42 -27.75 -22.45
C PHE B 144 12.19 -27.61 -21.14
N ILE B 145 12.06 -26.45 -20.51
CA ILE B 145 12.50 -26.25 -19.12
C ILE B 145 11.25 -26.37 -18.24
N LEU B 146 11.18 -27.40 -17.41
CA LEU B 146 10.09 -27.53 -16.40
C LEU B 146 10.51 -27.00 -15.05
N ASN B 147 9.75 -26.02 -14.57
CA ASN B 147 9.92 -25.39 -13.27
C ASN B 147 8.87 -25.97 -12.30
N MET B 148 9.23 -26.25 -11.06
CA MET B 148 8.29 -26.98 -10.16
C MET B 148 7.36 -25.98 -9.45
N TYR B 149 7.78 -24.74 -9.22
CA TYR B 149 7.11 -23.80 -8.29
C TYR B 149 7.16 -22.37 -8.83
N HIS B 150 6.00 -21.73 -8.99
CA HIS B 150 5.92 -20.29 -9.41
C HIS B 150 4.88 -19.56 -8.57
N TRP B 151 4.95 -19.77 -7.25
CA TRP B 151 4.47 -18.91 -6.13
C TRP B 151 3.26 -19.50 -5.42
N PRO B 152 2.15 -19.92 -6.07
CA PRO B 152 1.04 -20.47 -5.29
C PRO B 152 1.45 -21.81 -4.65
N LEU B 153 1.01 -21.97 -3.42
CA LEU B 153 1.13 -23.21 -2.58
C LEU B 153 -0.28 -23.79 -2.49
N PRO B 154 -0.41 -25.13 -2.36
CA PRO B 154 -1.69 -25.70 -1.91
C PRO B 154 -2.14 -25.11 -0.58
N LEU B 155 -3.44 -24.85 -0.51
CA LEU B 155 -4.04 -24.23 0.70
C LEU B 155 -3.82 -25.14 1.90
N TRP B 156 -3.69 -26.45 1.70
CA TRP B 156 -3.45 -27.34 2.86
C TRP B 156 -2.02 -27.12 3.39
N LEU B 157 -1.14 -26.35 2.69
CA LEU B 157 0.22 -26.03 3.22
C LEU B 157 0.34 -24.56 3.61
N HIS B 158 -0.58 -23.70 3.15
CA HIS B 158 -0.57 -22.29 3.56
C HIS B 158 -1.98 -21.70 3.49
N ASP B 159 -2.53 -21.27 4.62
CA ASP B 159 -3.73 -20.42 4.71
C ASP B 159 -3.24 -19.02 4.96
N PRO B 160 -3.15 -18.20 3.88
CA PRO B 160 -2.57 -16.87 4.01
C PRO B 160 -3.43 -15.84 4.73
N ILE B 161 -4.74 -16.05 4.85
CA ILE B 161 -5.60 -15.08 5.57
C ILE B 161 -5.43 -15.25 7.09
N ARG B 162 -5.33 -16.50 7.52
CA ARG B 162 -5.00 -16.82 8.93
C ARG B 162 -3.67 -16.16 9.33
N VAL B 163 -2.63 -16.29 8.50
CA VAL B 163 -1.30 -15.69 8.79
C VAL B 163 -1.39 -14.16 8.75
N ARG B 164 -2.05 -13.58 7.73
CA ARG B 164 -2.28 -12.11 7.71
C ARG B 164 -2.85 -11.60 9.01
N ARG B 165 -3.78 -12.37 9.62
CA ARG B 165 -4.45 -12.00 10.88
C ARG B 165 -3.58 -12.29 12.12
N GLY B 166 -2.38 -12.80 11.93
CA GLY B 166 -1.44 -12.96 13.06
C GLY B 166 -1.69 -14.29 13.79
N ASP B 167 -2.35 -15.21 13.11
CA ASP B 167 -2.67 -16.58 13.64
C ASP B 167 -1.70 -17.55 13.00
N PHE B 168 -0.78 -18.11 13.79
CA PHE B 168 0.23 -19.02 13.28
C PHE B 168 -0.04 -20.48 13.71
N THR B 169 -1.27 -20.82 14.05
CA THR B 169 -1.68 -22.21 14.45
C THR B 169 -2.04 -23.08 13.24
N GLY B 170 -2.14 -22.49 12.04
CA GLY B 170 -2.56 -23.21 10.83
C GLY B 170 -1.40 -23.43 9.88
N PRO B 171 -1.67 -23.85 8.62
CA PRO B 171 -0.61 -24.11 7.64
C PRO B 171 0.06 -22.78 7.26
N SER B 172 1.39 -22.71 7.46
CA SER B 172 2.13 -21.43 7.46
C SER B 172 3.07 -21.30 6.25
N GLY B 173 2.86 -22.10 5.21
CA GLY B 173 3.63 -22.09 3.95
C GLY B 173 5.12 -22.25 4.20
N TRP B 174 5.98 -21.39 3.66
CA TRP B 174 7.45 -21.56 3.79
C TRP B 174 7.95 -21.28 5.22
N LEU B 175 7.13 -20.87 6.18
CA LEU B 175 7.52 -20.67 7.60
C LEU B 175 7.61 -22.05 8.29
N SER B 176 7.13 -23.09 7.63
CA SER B 176 7.13 -24.46 8.21
C SER B 176 8.03 -25.42 7.43
N THR B 177 8.85 -26.19 8.14
CA THR B 177 9.66 -27.27 7.51
C THR B 177 8.80 -28.35 6.88
N ARG B 178 7.53 -28.53 7.28
CA ARG B 178 6.63 -29.49 6.58
C ARG B 178 6.56 -29.10 5.10
N THR B 179 6.51 -27.80 4.82
CA THR B 179 6.48 -27.36 3.40
C THR B 179 7.78 -27.74 2.67
N VAL B 180 8.92 -27.60 3.32
CA VAL B 180 10.23 -28.01 2.77
C VAL B 180 10.20 -29.48 2.38
N TYR B 181 9.74 -30.28 3.35
CA TYR B 181 9.67 -31.74 3.21
C TYR B 181 8.80 -32.07 2.00
N GLU B 182 7.57 -31.54 1.96
CA GLU B 182 6.60 -31.87 0.91
C GLU B 182 7.08 -31.37 -0.45
N PHE B 183 7.78 -30.24 -0.50
CA PHE B 183 8.28 -29.73 -1.82
C PHE B 183 9.35 -30.66 -2.39
N ALA B 184 10.23 -31.18 -1.53
CA ALA B 184 11.24 -32.18 -2.00
C ALA B 184 10.51 -33.36 -2.63
N ARG B 185 9.48 -33.89 -1.97
CA ARG B 185 8.77 -35.11 -2.46
C ARG B 185 8.00 -34.79 -3.72
N PHE B 186 7.33 -33.63 -3.74
CA PHE B 186 6.63 -33.14 -4.95
C PHE B 186 7.58 -33.06 -6.17
N SER B 187 8.75 -32.43 -5.99
CA SER B 187 9.71 -32.20 -7.09
C SER B 187 10.22 -33.54 -7.62
N ALA B 188 10.53 -34.48 -6.71
CA ALA B 188 10.96 -35.84 -7.12
C ALA B 188 9.85 -36.52 -7.90
N TYR B 189 8.60 -36.45 -7.38
CA TYR B 189 7.44 -37.07 -8.03
C TYR B 189 7.24 -36.54 -9.45
N ILE B 190 7.27 -35.21 -9.64
CA ILE B 190 7.04 -34.64 -10.99
C ILE B 190 8.14 -35.08 -11.97
N ALA B 191 9.40 -35.09 -11.54
CA ALA B 191 10.53 -35.58 -12.36
C ALA B 191 10.33 -37.07 -12.73
N TRP B 192 9.87 -37.84 -11.77
CA TRP B 192 9.56 -39.28 -12.01
C TRP B 192 8.51 -39.43 -13.09
N LYS B 193 7.45 -38.59 -13.09
CA LYS B 193 6.32 -38.73 -14.00
C LYS B 193 6.64 -38.16 -15.40
N PHE B 194 7.47 -37.12 -15.49
CA PHE B 194 7.59 -36.31 -16.73
C PHE B 194 9.01 -36.32 -17.32
N ASP B 195 9.97 -37.02 -16.71
CA ASP B 195 11.39 -36.94 -17.14
C ASP B 195 11.55 -37.24 -18.64
N ASP B 196 10.68 -38.03 -19.24
CA ASP B 196 10.74 -38.41 -20.68
C ASP B 196 10.47 -37.18 -21.56
N LEU B 197 9.76 -36.17 -21.04
CA LEU B 197 9.36 -34.97 -21.83
C LEU B 197 10.27 -33.78 -21.52
N VAL B 198 11.00 -33.76 -20.40
CA VAL B 198 11.69 -32.57 -19.85
C VAL B 198 13.14 -32.55 -20.34
N ASP B 199 13.63 -31.40 -20.80
CA ASP B 199 15.06 -31.26 -21.18
C ASP B 199 15.84 -30.79 -19.97
N GLU B 200 15.40 -29.73 -19.28
CA GLU B 200 16.03 -29.23 -18.04
C GLU B 200 14.96 -28.87 -17.01
N TYR B 201 15.36 -28.85 -15.75
CA TYR B 201 14.49 -28.57 -14.59
C TYR B 201 14.96 -27.29 -13.93
N SER B 202 13.99 -26.51 -13.40
CA SER B 202 14.19 -25.50 -12.34
C SER B 202 13.37 -25.93 -11.13
N THR B 203 13.89 -25.72 -9.92
CA THR B 203 13.14 -26.02 -8.69
C THR B 203 12.09 -24.92 -8.51
N MET B 204 12.50 -23.65 -8.55
CA MET B 204 11.63 -22.52 -8.12
C MET B 204 11.80 -21.33 -9.08
N ASN B 205 10.81 -20.46 -9.07
CA ASN B 205 10.83 -19.11 -9.71
C ASN B 205 10.84 -18.06 -8.60
N GLU B 206 11.91 -17.27 -8.53
CA GLU B 206 12.03 -16.05 -7.70
C GLU B 206 11.51 -16.25 -6.29
N PRO B 207 12.09 -17.19 -5.51
CA PRO B 207 11.65 -17.41 -4.12
C PRO B 207 11.96 -16.18 -3.26
N ASN B 208 12.93 -15.36 -3.72
CA ASN B 208 13.25 -14.12 -3.01
C ASN B 208 12.10 -13.07 -3.07
N VAL B 209 11.34 -13.03 -4.14
CA VAL B 209 10.18 -12.09 -4.30
C VAL B 209 9.04 -12.58 -3.40
N VAL B 210 8.80 -13.89 -3.39
CA VAL B 210 7.73 -14.50 -2.51
C VAL B 210 7.92 -13.99 -1.08
N GLY B 211 9.12 -14.16 -0.51
CA GLY B 211 9.44 -13.79 0.88
C GLY B 211 9.52 -12.29 1.07
N GLY B 212 10.19 -11.57 0.14
CA GLY B 212 10.38 -10.13 0.32
C GLY B 212 9.05 -9.35 0.27
N LEU B 213 8.22 -9.62 -0.72
CA LEU B 213 6.90 -8.91 -0.80
C LEU B 213 5.93 -9.49 0.24
N GLY B 214 6.00 -10.80 0.55
CA GLY B 214 5.05 -11.41 1.49
C GLY B 214 5.20 -10.99 2.94
N TYR B 215 6.40 -10.63 3.40
CA TYR B 215 6.76 -10.43 4.80
C TYR B 215 7.39 -9.06 5.02
N VAL B 216 7.73 -8.30 3.94
CA VAL B 216 8.27 -6.94 4.16
C VAL B 216 7.51 -5.92 3.28
N GLY B 217 7.49 -6.12 1.98
CA GLY B 217 6.87 -5.13 1.05
C GLY B 217 5.36 -5.31 0.98
N VAL B 218 4.71 -5.23 2.13
CA VAL B 218 3.28 -5.65 2.28
C VAL B 218 2.33 -4.73 1.51
N LYS B 219 2.73 -3.53 1.08
CA LYS B 219 1.82 -2.72 0.21
C LYS B 219 1.70 -3.35 -1.16
N SER B 220 2.54 -4.31 -1.52
CA SER B 220 2.49 -5.08 -2.78
C SER B 220 1.21 -5.92 -2.89
N GLY B 221 0.58 -6.24 -1.76
CA GLY B 221 -0.58 -7.14 -1.73
C GLY B 221 -0.23 -8.59 -2.06
N PHE B 222 0.97 -9.05 -1.69
CA PHE B 222 1.38 -10.47 -1.88
C PHE B 222 1.10 -11.23 -0.59
N PRO B 223 0.72 -12.51 -0.71
CA PRO B 223 0.37 -13.31 0.50
C PRO B 223 1.62 -13.70 1.30
N PRO B 224 1.55 -13.82 2.65
CA PRO B 224 0.35 -13.57 3.45
C PRO B 224 0.28 -12.15 4.00
N GLY B 225 1.16 -11.25 3.55
CA GLY B 225 1.07 -9.82 3.90
C GLY B 225 1.17 -9.59 5.39
N TYR B 226 2.10 -10.33 6.04
CA TYR B 226 2.38 -10.17 7.47
C TYR B 226 3.77 -9.56 7.63
N LEU B 227 3.81 -8.35 8.14
CA LEU B 227 5.07 -7.54 8.18
C LEU B 227 5.95 -8.10 9.31
N SER B 228 7.09 -8.68 8.92
CA SER B 228 8.04 -9.28 9.89
C SER B 228 9.41 -9.55 9.26
N PHE B 229 10.42 -8.80 9.68
CA PHE B 229 11.83 -9.06 9.30
C PHE B 229 12.20 -10.51 9.68
N GLU B 230 11.81 -10.93 10.89
CA GLU B 230 12.18 -12.27 11.43
C GLU B 230 11.60 -13.37 10.57
N LEU B 231 10.31 -13.26 10.19
CA LEU B 231 9.66 -14.27 9.36
C LEU B 231 10.16 -14.19 7.92
N SER B 232 10.57 -13.02 7.37
CA SER B 232 11.20 -12.99 6.03
C SER B 232 12.50 -13.84 6.04
N ARG B 233 13.27 -13.72 7.13
CA ARG B 233 14.57 -14.45 7.32
C ARG B 233 14.28 -15.96 7.44
N ARG B 234 13.23 -16.33 8.18
CA ARG B 234 12.86 -17.76 8.27
C ARG B 234 12.45 -18.30 6.92
N HIS B 235 11.60 -17.55 6.17
CA HIS B 235 11.20 -17.95 4.80
C HIS B 235 12.42 -18.25 3.93
N MET B 236 13.39 -17.34 3.89
CA MET B 236 14.54 -17.47 2.98
C MET B 236 15.37 -18.70 3.42
N TYR B 237 15.58 -18.89 4.70
CA TYR B 237 16.27 -20.11 5.24
C TYR B 237 15.58 -21.38 4.74
N ASN B 238 14.26 -21.45 4.91
CA ASN B 238 13.48 -22.63 4.48
C ASN B 238 13.53 -22.78 2.97
N ILE B 239 13.49 -21.68 2.20
CA ILE B 239 13.47 -21.86 0.72
C ILE B 239 14.84 -22.40 0.21
N ILE B 240 15.95 -22.03 0.86
CA ILE B 240 17.32 -22.54 0.52
C ILE B 240 17.32 -24.08 0.68
N GLN B 241 16.85 -24.55 1.82
CA GLN B 241 16.91 -26.01 2.11
C GLN B 241 15.86 -26.74 1.27
N ALA B 242 14.73 -26.10 0.93
CA ALA B 242 13.77 -26.71 -0.01
C ALA B 242 14.39 -26.87 -1.39
N HIS B 243 15.11 -25.85 -1.86
CA HIS B 243 15.85 -25.96 -3.13
C HIS B 243 16.77 -27.21 -3.07
N ALA B 244 17.59 -27.27 -2.04
CA ALA B 244 18.65 -28.32 -1.91
C ALA B 244 18.00 -29.72 -1.86
N ARG B 245 16.87 -29.87 -1.13
CA ARG B 245 16.16 -31.18 -1.02
C ARG B 245 15.44 -31.52 -2.34
N ALA B 246 14.86 -30.52 -3.04
CA ALA B 246 14.27 -30.73 -4.36
C ALA B 246 15.33 -31.17 -5.38
N TYR B 247 16.51 -30.53 -5.37
CA TYR B 247 17.62 -30.92 -6.27
C TYR B 247 17.94 -32.41 -6.06
N ASP B 248 18.14 -32.77 -4.80
CA ASP B 248 18.55 -34.18 -4.42
C ASP B 248 17.39 -35.12 -4.79
N GLY B 249 16.14 -34.66 -4.59
CA GLY B 249 14.94 -35.37 -5.03
C GLY B 249 14.94 -35.66 -6.50
N ILE B 250 15.07 -34.61 -7.34
CA ILE B 250 15.04 -34.78 -8.82
C ILE B 250 16.22 -35.68 -9.25
N LYS B 251 17.38 -35.41 -8.66
CA LYS B 251 18.63 -36.15 -9.00
C LYS B 251 18.45 -37.65 -8.64
N SER B 252 17.60 -38.02 -7.68
CA SER B 252 17.35 -39.46 -7.36
C SER B 252 16.60 -40.16 -8.50
N VAL B 253 15.96 -39.44 -9.43
CA VAL B 253 15.15 -40.08 -10.49
C VAL B 253 15.54 -39.61 -11.89
N SER B 254 16.44 -38.63 -12.02
CA SER B 254 16.78 -38.05 -13.34
C SER B 254 18.27 -37.71 -13.38
N LYS B 255 18.87 -37.77 -14.57
CA LYS B 255 20.27 -37.32 -14.73
C LYS B 255 20.31 -35.91 -15.33
N LYS B 256 19.15 -35.29 -15.54
CA LYS B 256 19.06 -34.04 -16.34
C LYS B 256 19.41 -32.85 -15.47
N PRO B 257 19.78 -31.71 -16.10
CA PRO B 257 20.23 -30.55 -15.35
C PRO B 257 19.09 -29.95 -14.49
N VAL B 258 19.47 -29.53 -13.31
CA VAL B 258 18.63 -28.89 -12.27
C VAL B 258 19.21 -27.53 -11.87
N GLY B 259 18.45 -26.47 -12.19
CA GLY B 259 18.80 -25.12 -11.73
C GLY B 259 17.72 -24.45 -10.90
N ILE B 260 17.82 -23.13 -10.79
CA ILE B 260 16.86 -22.26 -10.06
C ILE B 260 16.76 -20.95 -10.83
N ILE B 261 15.61 -20.32 -10.72
CA ILE B 261 15.26 -19.05 -11.45
C ILE B 261 15.11 -18.00 -10.35
N TYR B 262 15.77 -16.83 -10.46
CA TYR B 262 15.85 -15.88 -9.34
C TYR B 262 15.67 -14.43 -9.88
N ALA B 263 15.03 -13.56 -9.10
CA ALA B 263 14.74 -12.17 -9.50
C ALA B 263 16.00 -11.35 -9.21
N ASN B 264 16.51 -10.75 -10.28
CA ASN B 264 17.74 -9.93 -10.21
C ASN B 264 17.43 -8.47 -10.55
N SER B 265 18.10 -7.56 -9.87
CA SER B 265 18.26 -6.15 -10.36
C SER B 265 19.75 -5.90 -10.57
N SER B 266 20.03 -4.93 -11.42
CA SER B 266 21.41 -4.44 -11.64
C SER B 266 21.64 -3.31 -10.65
N PHE B 267 22.50 -3.52 -9.65
CA PHE B 267 22.71 -2.45 -8.65
C PHE B 267 23.70 -1.44 -9.27
N GLN B 268 23.29 -0.17 -9.30
CA GLN B 268 24.02 0.92 -9.99
C GLN B 268 24.31 2.00 -8.97
N PRO B 269 25.50 2.63 -9.01
CA PRO B 269 25.86 3.60 -8.00
C PRO B 269 25.28 4.99 -8.33
N LEU B 270 24.79 5.74 -7.35
CA LEU B 270 24.26 7.10 -7.65
C LEU B 270 25.43 7.98 -8.14
N THR B 271 26.57 7.97 -7.43
CA THR B 271 27.82 8.72 -7.74
C THR B 271 29.00 7.75 -7.81
N ASP B 272 30.21 8.25 -8.12
CA ASP B 272 31.40 7.35 -8.23
C ASP B 272 31.89 6.94 -6.81
N LYS B 273 31.35 7.57 -5.76
CA LYS B 273 31.62 7.35 -4.33
C LYS B 273 30.74 6.21 -3.76
N ASP B 274 29.97 5.50 -4.60
CA ASP B 274 28.95 4.52 -4.12
C ASP B 274 29.26 3.10 -4.61
N MET B 275 30.47 2.80 -5.10
CA MET B 275 30.76 1.45 -5.68
C MET B 275 30.68 0.39 -4.57
N GLU B 276 30.96 0.82 -3.34
CA GLU B 276 30.94 -0.01 -2.09
C GLU B 276 29.49 -0.34 -1.78
N ALA B 277 28.59 0.63 -1.97
CA ALA B 277 27.13 0.41 -1.79
C ALA B 277 26.64 -0.64 -2.79
N VAL B 278 27.14 -0.63 -4.03
CA VAL B 278 26.73 -1.63 -5.03
C VAL B 278 27.11 -3.04 -4.51
N GLU B 279 28.35 -3.25 -4.08
CA GLU B 279 28.85 -4.59 -3.60
C GLU B 279 27.98 -5.07 -2.45
N MET B 280 27.66 -4.20 -1.52
CA MET B 280 26.86 -4.56 -0.31
C MET B 280 25.47 -5.01 -0.79
N ALA B 281 24.94 -4.30 -1.79
CA ALA B 281 23.55 -4.57 -2.22
C ALA B 281 23.57 -5.90 -2.95
N GLU B 282 24.62 -6.22 -3.70
CA GLU B 282 24.76 -7.49 -4.43
C GLU B 282 24.89 -8.65 -3.41
N ASN B 283 25.64 -8.44 -2.33
CA ASN B 283 25.78 -9.43 -1.21
C ASN B 283 24.41 -9.75 -0.60
N ASP B 284 23.69 -8.70 -0.21
CA ASP B 284 22.41 -8.76 0.54
C ASP B 284 21.27 -9.31 -0.32
N ASN B 285 21.31 -9.16 -1.65
CA ASN B 285 20.14 -9.43 -2.51
C ASN B 285 20.41 -10.64 -3.40
N ARG B 286 21.66 -11.03 -3.57
CA ARG B 286 22.06 -12.03 -4.58
C ARG B 286 23.06 -13.04 -4.00
N TRP B 287 24.25 -12.58 -3.60
CA TRP B 287 25.37 -13.55 -3.36
C TRP B 287 25.04 -14.47 -2.18
N TRP B 288 24.46 -13.91 -1.13
CA TRP B 288 24.13 -14.67 0.12
C TRP B 288 23.29 -15.91 -0.25
N PHE B 289 22.36 -15.80 -1.18
CA PHE B 289 21.49 -16.93 -1.58
C PHE B 289 22.31 -17.96 -2.36
N PHE B 290 23.05 -17.52 -3.38
CA PHE B 290 23.70 -18.43 -4.33
C PHE B 290 24.95 -19.03 -3.67
N ASP B 291 25.54 -18.32 -2.74
CA ASP B 291 26.70 -18.87 -1.99
C ASP B 291 26.18 -19.96 -1.05
N ALA B 292 24.90 -19.92 -0.67
CA ALA B 292 24.29 -21.01 0.16
C ALA B 292 24.17 -22.29 -0.67
N ILE B 293 23.61 -22.25 -1.88
CA ILE B 293 23.22 -23.45 -2.64
C ILE B 293 24.33 -23.95 -3.57
N ILE B 294 25.37 -23.14 -3.77
CA ILE B 294 26.53 -23.53 -4.60
C ILE B 294 27.69 -23.95 -3.71
N ARG B 295 28.02 -23.15 -2.71
CA ARG B 295 29.21 -23.32 -1.83
C ARG B 295 28.82 -23.81 -0.44
N GLY B 296 27.53 -23.91 -0.14
CA GLY B 296 27.04 -24.42 1.16
C GLY B 296 27.21 -23.44 2.31
N GLU B 297 27.57 -22.17 2.08
CA GLU B 297 27.78 -21.21 3.20
C GLU B 297 26.48 -20.50 3.57
N ILE B 298 26.18 -20.37 4.86
CA ILE B 298 24.92 -19.77 5.35
C ILE B 298 25.09 -19.23 6.78
N THR B 299 24.18 -18.34 7.19
CA THR B 299 23.96 -17.82 8.57
C THR B 299 22.71 -18.49 9.21
N ARG B 300 22.90 -19.12 10.37
CA ARG B 300 21.84 -19.77 11.21
C ARG B 300 21.95 -19.23 12.63
N GLY B 301 20.93 -18.53 13.12
CA GLY B 301 21.04 -17.67 14.32
C GLY B 301 21.97 -16.50 14.02
N ASN B 302 23.03 -16.32 14.83
CA ASN B 302 24.08 -15.29 14.62
C ASN B 302 25.43 -15.99 14.40
N GLU B 303 25.44 -17.16 13.73
CA GLU B 303 26.63 -18.01 13.49
C GLU B 303 26.76 -18.30 11.99
N LYS B 304 27.90 -17.95 11.38
CA LYS B 304 28.20 -18.10 9.93
C LYS B 304 28.92 -19.44 9.72
N ILE B 305 28.22 -20.46 9.21
CA ILE B 305 28.67 -21.89 9.13
C ILE B 305 28.71 -22.36 7.67
N VAL B 306 29.19 -23.58 7.42
CA VAL B 306 29.06 -24.29 6.11
C VAL B 306 28.17 -25.53 6.33
N ARG B 307 27.30 -25.89 5.37
CA ARG B 307 26.43 -27.10 5.44
C ARG B 307 26.72 -27.99 4.24
N ASP B 308 27.17 -29.22 4.50
CA ASP B 308 27.52 -30.17 3.42
C ASP B 308 26.28 -30.54 2.61
N ASP B 309 25.08 -30.44 3.20
CA ASP B 309 23.83 -30.90 2.54
C ASP B 309 23.36 -29.81 1.54
N LEU B 310 23.94 -28.60 1.60
CA LEU B 310 23.60 -27.45 0.71
C LEU B 310 24.58 -27.31 -0.46
N LYS B 311 25.84 -27.67 -0.25
CA LYS B 311 26.92 -27.43 -1.22
C LYS B 311 26.71 -28.22 -2.52
N GLY B 312 26.91 -27.54 -3.66
CA GLY B 312 26.90 -28.18 -4.98
C GLY B 312 25.53 -28.46 -5.56
N ARG B 313 24.47 -27.91 -4.98
CA ARG B 313 23.09 -28.23 -5.38
C ARG B 313 22.65 -27.24 -6.48
N LEU B 314 23.41 -27.13 -7.58
CA LEU B 314 22.97 -26.23 -8.70
C LEU B 314 23.76 -26.50 -9.96
N ASP B 315 23.07 -26.71 -11.06
CA ASP B 315 23.69 -27.02 -12.36
C ASP B 315 23.65 -25.77 -13.27
N TRP B 316 22.68 -24.86 -13.10
CA TRP B 316 22.53 -23.68 -14.00
C TRP B 316 21.71 -22.60 -13.30
N ILE B 317 21.83 -21.35 -13.77
CA ILE B 317 21.22 -20.17 -13.14
C ILE B 317 20.28 -19.54 -14.15
N GLY B 318 19.01 -19.40 -13.75
CA GLY B 318 17.96 -18.70 -14.50
C GLY B 318 17.93 -17.25 -14.12
N VAL B 319 18.28 -16.35 -15.07
CA VAL B 319 18.39 -14.90 -14.77
C VAL B 319 17.09 -14.20 -15.19
N ASN B 320 16.39 -13.67 -14.21
CA ASN B 320 15.13 -12.87 -14.38
C ASN B 320 15.48 -11.41 -14.13
N TYR B 321 15.29 -10.55 -15.16
CA TYR B 321 15.78 -9.16 -15.15
C TYR B 321 14.75 -8.23 -15.84
N TYR B 322 14.42 -7.13 -15.18
CA TYR B 322 13.64 -6.06 -15.87
C TYR B 322 14.25 -4.68 -15.66
N THR B 323 14.93 -4.35 -14.56
CA THR B 323 15.42 -2.96 -14.39
C THR B 323 16.56 -2.90 -13.40
N ARG B 324 17.05 -1.69 -13.14
CA ARG B 324 18.17 -1.45 -12.19
C ARG B 324 17.61 -1.09 -10.83
N THR B 325 18.50 -0.98 -9.86
CA THR B 325 18.25 -0.29 -8.59
C THR B 325 19.44 0.63 -8.35
N VAL B 326 19.16 1.90 -8.11
CA VAL B 326 20.25 2.87 -7.87
C VAL B 326 20.42 2.95 -6.38
N VAL B 327 21.67 2.86 -5.92
CA VAL B 327 21.96 2.83 -4.47
C VAL B 327 23.03 3.88 -4.15
N LYS B 328 23.01 4.38 -2.92
CA LYS B 328 24.08 5.27 -2.38
C LYS B 328 24.52 4.80 -0.97
N ARG B 329 25.81 4.97 -0.65
CA ARG B 329 26.44 4.75 0.69
C ARG B 329 25.77 5.65 1.72
N THR B 330 25.58 5.16 2.96
CA THR B 330 25.08 5.93 4.14
C THR B 330 26.00 5.68 5.36
N GLU B 331 25.75 6.36 6.49
CA GLU B 331 26.36 6.07 7.83
C GLU B 331 26.34 4.55 8.06
N LYS B 332 25.15 3.95 8.28
CA LYS B 332 24.91 2.49 8.45
C LYS B 332 25.51 1.66 7.30
N GLY B 333 24.89 1.69 6.11
CA GLY B 333 25.19 0.79 4.97
C GLY B 333 24.08 0.77 3.90
N TYR B 334 24.19 1.67 2.92
CA TYR B 334 23.45 1.79 1.63
C TYR B 334 21.91 1.86 1.76
N VAL B 335 21.33 2.63 0.83
CA VAL B 335 19.85 2.75 0.60
C VAL B 335 19.63 2.79 -0.92
N SER B 336 18.47 2.32 -1.36
CA SER B 336 17.97 2.46 -2.76
C SER B 336 17.29 3.82 -2.90
N LEU B 337 17.39 4.44 -4.08
CA LEU B 337 16.76 5.74 -4.34
C LEU B 337 15.46 5.54 -5.13
N GLY B 338 14.40 6.25 -4.71
CA GLY B 338 13.15 6.41 -5.49
C GLY B 338 13.40 7.20 -6.77
N GLY B 339 12.55 7.00 -7.77
CA GLY B 339 12.62 7.75 -9.04
C GLY B 339 13.59 7.14 -10.03
N TYR B 340 14.16 5.97 -9.73
CA TYR B 340 14.91 5.12 -10.67
C TYR B 340 14.40 3.69 -10.58
N GLY B 341 14.68 2.86 -11.58
CA GLY B 341 14.48 1.40 -11.48
C GLY B 341 13.02 1.05 -11.29
N HIS B 342 12.64 0.28 -10.27
CA HIS B 342 11.20 -0.04 -10.17
C HIS B 342 10.45 0.94 -9.30
N GLY B 343 11.03 2.05 -8.89
CA GLY B 343 10.34 3.02 -8.01
C GLY B 343 10.02 4.31 -8.77
N CYS B 344 9.58 4.19 -10.02
CA CYS B 344 9.23 5.39 -10.87
C CYS B 344 7.72 5.54 -11.04
N GLU B 345 7.29 6.71 -11.49
CA GLU B 345 5.87 6.91 -11.92
C GLU B 345 5.60 6.04 -13.16
N ARG B 346 4.38 5.51 -13.29
CA ARG B 346 3.88 4.79 -14.48
C ARG B 346 3.83 5.78 -15.67
N ASN B 347 4.24 5.31 -16.82
CA ASN B 347 4.10 6.04 -18.10
C ASN B 347 4.69 7.44 -17.92
N SER B 348 5.94 7.51 -17.54
CA SER B 348 6.64 8.78 -17.36
C SER B 348 8.12 8.62 -17.71
N VAL B 349 8.92 9.41 -17.02
CA VAL B 349 10.37 9.28 -17.16
C VAL B 349 10.97 9.19 -15.77
N SER B 350 12.08 8.49 -15.67
CA SER B 350 12.87 8.41 -14.42
C SER B 350 13.57 9.75 -14.15
N LEU B 351 14.21 9.88 -12.99
CA LEU B 351 15.10 11.02 -12.66
C LEU B 351 16.30 11.07 -13.63
N ALA B 352 16.65 10.00 -14.32
CA ALA B 352 17.73 9.96 -15.34
C ALA B 352 17.18 10.31 -16.74
N GLY B 353 15.89 10.64 -16.86
CA GLY B 353 15.27 10.90 -18.17
C GLY B 353 15.02 9.70 -19.04
N LEU B 354 14.95 8.50 -18.45
CA LEU B 354 14.69 7.27 -19.21
C LEU B 354 13.22 6.92 -19.09
N PRO B 355 12.61 6.39 -20.17
CA PRO B 355 11.18 6.16 -20.17
C PRO B 355 10.84 5.04 -19.14
N THR B 356 9.68 5.15 -18.58
CA THR B 356 9.12 4.07 -17.70
C THR B 356 7.94 3.39 -18.36
N SER B 357 7.70 2.15 -17.92
CA SER B 357 6.65 1.27 -18.44
C SER B 357 5.30 1.57 -17.77
N ASP B 358 4.29 0.82 -18.22
CA ASP B 358 2.92 0.84 -17.68
C ASP B 358 2.99 0.52 -16.19
N PHE B 359 4.06 -0.15 -15.73
CA PHE B 359 4.23 -0.57 -14.31
C PHE B 359 5.13 0.39 -13.52
N GLY B 360 5.72 1.41 -14.17
CA GLY B 360 6.60 2.37 -13.47
C GLY B 360 8.05 1.88 -13.40
N TRP B 361 8.47 1.01 -14.29
CA TRP B 361 9.81 0.40 -14.33
C TRP B 361 10.67 1.10 -15.39
N GLU B 362 11.87 1.50 -14.99
CA GLU B 362 12.79 2.26 -15.87
C GLU B 362 13.45 1.37 -16.92
N PHE B 363 13.62 1.91 -18.11
CA PHE B 363 14.25 1.24 -19.26
C PHE B 363 15.78 1.23 -19.01
N PHE B 364 16.40 0.05 -18.82
CA PHE B 364 17.84 0.00 -18.44
C PHE B 364 18.48 -1.30 -18.90
N PRO B 365 18.56 -1.50 -20.22
CA PRO B 365 19.04 -2.77 -20.78
C PRO B 365 20.47 -3.11 -20.32
N GLU B 366 21.32 -2.11 -19.98
CA GLU B 366 22.77 -2.31 -19.64
C GLU B 366 22.82 -3.22 -18.40
N GLY B 367 21.80 -3.14 -17.56
CA GLY B 367 21.74 -3.98 -16.34
C GLY B 367 21.83 -5.47 -16.63
N LEU B 368 21.27 -5.95 -17.72
CA LEU B 368 21.22 -7.40 -18.03
C LEU B 368 22.67 -7.87 -18.29
N TYR B 369 23.47 -7.08 -19.00
CA TYR B 369 24.91 -7.39 -19.22
C TYR B 369 25.63 -7.50 -17.88
N ASP B 370 25.44 -6.54 -16.99
CA ASP B 370 26.00 -6.46 -15.64
C ASP B 370 25.64 -7.76 -14.88
N VAL B 371 24.36 -8.12 -14.88
CA VAL B 371 23.95 -9.30 -14.06
C VAL B 371 24.53 -10.59 -14.64
N LEU B 372 24.48 -10.81 -15.96
CA LEU B 372 24.99 -12.05 -16.59
C LEU B 372 26.49 -12.17 -16.38
N THR B 373 27.24 -11.09 -16.54
CA THR B 373 28.73 -11.14 -16.42
C THR B 373 29.15 -11.34 -14.96
N LYS B 374 28.48 -10.70 -14.01
CA LYS B 374 28.75 -10.84 -12.54
C LYS B 374 28.52 -12.30 -12.09
N TYR B 375 27.41 -12.91 -12.49
CA TYR B 375 27.17 -14.34 -12.15
C TYR B 375 28.28 -15.22 -12.77
N TRP B 376 28.63 -14.96 -14.04
CA TRP B 376 29.59 -15.81 -14.80
C TRP B 376 30.93 -15.77 -14.06
N ASN B 377 31.32 -14.56 -13.65
CA ASN B 377 32.68 -14.34 -13.08
C ASN B 377 32.71 -14.99 -11.71
N ARG B 378 31.58 -15.05 -11.00
CA ARG B 378 31.61 -15.52 -9.60
C ARG B 378 31.55 -17.06 -9.56
N TYR B 379 30.79 -17.73 -10.43
CA TYR B 379 30.48 -19.18 -10.28
C TYR B 379 30.74 -19.99 -11.54
N HIS B 380 30.90 -19.40 -12.74
CA HIS B 380 31.15 -20.17 -13.98
C HIS B 380 30.11 -21.29 -14.16
N LEU B 381 28.85 -21.02 -13.79
CA LEU B 381 27.69 -21.86 -14.19
C LEU B 381 27.00 -21.22 -15.40
N TYR B 382 26.60 -22.03 -16.36
CA TYR B 382 25.89 -21.61 -17.59
C TYR B 382 24.51 -21.08 -17.17
N MET B 383 23.98 -20.18 -17.98
CA MET B 383 22.72 -19.53 -17.58
C MET B 383 21.77 -19.41 -18.75
N TYR B 384 20.50 -19.23 -18.39
CA TYR B 384 19.44 -18.82 -19.30
C TYR B 384 18.88 -17.50 -18.81
N VAL B 385 18.53 -16.59 -19.74
CA VAL B 385 17.68 -15.44 -19.37
C VAL B 385 16.25 -15.96 -19.37
N THR B 386 15.79 -16.30 -18.16
CA THR B 386 14.49 -16.99 -18.01
C THR B 386 13.32 -16.00 -17.94
N GLU B 387 13.59 -14.72 -17.81
CA GLU B 387 12.50 -13.73 -17.80
C GLU B 387 13.07 -12.36 -18.19
N ASN B 388 12.41 -11.73 -19.14
CA ASN B 388 12.70 -10.32 -19.50
C ASN B 388 11.49 -9.83 -20.28
N GLY B 389 10.91 -8.72 -19.84
CA GLY B 389 9.70 -8.20 -20.52
C GLY B 389 9.26 -6.88 -19.93
N ILE B 390 8.18 -6.33 -20.48
CA ILE B 390 7.70 -4.98 -20.17
C ILE B 390 6.19 -4.95 -20.21
N ALA B 391 5.62 -4.24 -19.24
CA ALA B 391 4.17 -3.89 -19.19
C ALA B 391 3.90 -2.77 -20.21
N ASP B 392 3.22 -3.12 -21.30
CA ASP B 392 3.10 -2.19 -22.48
C ASP B 392 1.96 -2.68 -23.36
N ASP B 393 0.72 -2.31 -23.01
CA ASP B 393 -0.47 -2.73 -23.80
C ASP B 393 -0.42 -2.13 -25.20
N ALA B 394 0.06 -0.89 -25.32
CA ALA B 394 0.10 -0.17 -26.63
C ALA B 394 1.19 -0.73 -27.55
N ASP B 395 2.25 -1.35 -27.01
CA ASP B 395 3.44 -1.87 -27.73
C ASP B 395 4.34 -0.69 -28.17
N TYR B 396 4.27 0.45 -27.51
CA TYR B 396 5.13 1.60 -27.90
C TYR B 396 6.59 1.27 -27.66
N GLN B 397 6.91 0.74 -26.48
CA GLN B 397 8.29 0.63 -26.03
C GLN B 397 8.85 -0.79 -26.27
N ARG B 398 7.99 -1.79 -26.29
CA ARG B 398 8.42 -3.20 -26.32
C ARG B 398 9.36 -3.53 -27.49
N PRO B 399 9.17 -3.05 -28.75
CA PRO B 399 10.15 -3.35 -29.82
C PRO B 399 11.59 -2.94 -29.46
N TYR B 400 11.76 -1.78 -28.85
CA TYR B 400 13.07 -1.29 -28.34
C TYR B 400 13.53 -2.13 -27.15
N TYR B 401 12.61 -2.42 -26.23
CA TYR B 401 12.95 -3.19 -24.99
C TYR B 401 13.50 -4.55 -25.43
N LEU B 402 12.80 -5.23 -26.31
CA LEU B 402 13.16 -6.59 -26.78
C LEU B 402 14.53 -6.54 -27.45
N VAL B 403 14.70 -5.71 -28.48
CA VAL B 403 15.98 -5.74 -29.24
C VAL B 403 17.12 -5.34 -28.31
N SER B 404 16.94 -4.32 -27.48
CA SER B 404 18.01 -3.78 -26.61
C SER B 404 18.50 -4.87 -25.64
N HIS B 405 17.58 -5.59 -25.00
CA HIS B 405 17.99 -6.61 -24.02
C HIS B 405 18.59 -7.80 -24.73
N VAL B 406 18.11 -8.20 -25.90
CA VAL B 406 18.71 -9.29 -26.69
C VAL B 406 20.16 -8.93 -27.04
N TYR B 407 20.38 -7.69 -27.45
CA TYR B 407 21.76 -7.19 -27.73
C TYR B 407 22.67 -7.32 -26.52
N GLN B 408 22.18 -7.06 -25.33
CA GLN B 408 22.95 -7.13 -24.08
C GLN B 408 23.33 -8.60 -23.79
N VAL B 409 22.51 -9.55 -24.20
CA VAL B 409 22.82 -11.00 -24.05
C VAL B 409 23.96 -11.33 -25.05
N HIS B 410 23.88 -10.77 -26.26
CA HIS B 410 24.93 -10.98 -27.30
C HIS B 410 26.26 -10.42 -26.77
N ARG B 411 26.23 -9.25 -26.12
CA ARG B 411 27.41 -8.64 -25.47
C ARG B 411 27.98 -9.57 -24.38
N ALA B 412 27.12 -10.12 -23.52
CA ALA B 412 27.58 -11.01 -22.43
C ALA B 412 28.28 -12.26 -23.00
N ILE B 413 27.75 -12.87 -24.04
CA ILE B 413 28.30 -14.08 -24.71
C ILE B 413 29.68 -13.67 -25.28
N ASN B 414 29.72 -12.53 -25.95
CA ASN B 414 30.99 -11.97 -26.49
C ASN B 414 32.05 -11.76 -25.40
N SER B 415 31.68 -11.33 -24.19
CA SER B 415 32.59 -11.16 -23.02
C SER B 415 32.99 -12.52 -22.41
N GLY B 416 32.42 -13.64 -22.88
CA GLY B 416 32.80 -15.00 -22.45
C GLY B 416 31.75 -15.70 -21.58
N ALA B 417 30.63 -15.03 -21.25
CA ALA B 417 29.58 -15.65 -20.37
C ALA B 417 28.89 -16.79 -21.12
N ASP B 418 28.64 -17.92 -20.46
CA ASP B 418 27.94 -19.04 -21.11
C ASP B 418 26.42 -18.86 -20.91
N VAL B 419 25.74 -18.30 -21.91
CA VAL B 419 24.28 -18.00 -21.87
C VAL B 419 23.68 -18.75 -23.05
N ARG B 420 22.67 -19.59 -22.83
CA ARG B 420 22.24 -20.59 -23.80
C ARG B 420 20.84 -20.30 -24.33
N GLY B 421 20.21 -19.24 -23.81
CA GLY B 421 18.93 -18.83 -24.36
C GLY B 421 18.37 -17.58 -23.71
N TYR B 422 17.34 -17.08 -24.36
CA TYR B 422 16.61 -15.86 -23.94
C TYR B 422 15.13 -16.18 -24.08
N LEU B 423 14.45 -16.07 -22.94
CA LEU B 423 12.99 -16.38 -22.84
C LEU B 423 12.26 -15.10 -22.37
N HIS B 424 11.44 -14.58 -23.27
CA HIS B 424 10.74 -13.30 -23.09
C HIS B 424 9.55 -13.57 -22.16
N TRP B 425 9.27 -12.62 -21.30
CA TRP B 425 8.03 -12.60 -20.49
C TRP B 425 7.07 -11.61 -21.14
N SER B 426 6.01 -12.07 -21.81
CA SER B 426 5.66 -13.49 -21.97
C SER B 426 5.13 -13.67 -23.38
N LEU B 427 4.77 -14.88 -23.79
CA LEU B 427 4.15 -15.11 -25.10
C LEU B 427 2.87 -14.28 -25.17
N ALA B 428 2.03 -14.38 -24.15
CA ALA B 428 0.74 -13.69 -24.14
C ALA B 428 0.50 -12.97 -22.82
N ASP B 429 -0.40 -11.98 -22.85
CA ASP B 429 -0.83 -11.26 -21.66
C ASP B 429 -1.37 -12.30 -20.63
N ASN B 430 -1.27 -11.96 -19.37
CA ASN B 430 -1.74 -12.89 -18.31
C ASN B 430 -2.13 -12.14 -17.05
N TYR B 431 -2.52 -12.88 -16.00
CA TYR B 431 -2.94 -12.27 -14.73
C TYR B 431 -1.73 -11.85 -13.90
N GLU B 432 -1.49 -10.55 -13.78
CA GLU B 432 -0.35 -9.95 -13.06
C GLU B 432 -0.66 -9.84 -11.58
N TRP B 433 -0.80 -11.02 -10.95
CA TRP B 433 -0.78 -11.09 -9.47
C TRP B 433 -1.75 -10.07 -8.86
N ALA B 434 -1.33 -9.29 -7.91
CA ALA B 434 -2.21 -8.37 -7.18
C ALA B 434 -2.71 -7.23 -8.11
N SER B 435 -2.01 -6.98 -9.21
CA SER B 435 -2.38 -5.92 -10.18
C SER B 435 -3.47 -6.35 -11.17
N GLY B 436 -3.79 -7.63 -11.29
CA GLY B 436 -4.82 -8.09 -12.22
C GLY B 436 -4.39 -8.02 -13.66
N PHE B 437 -5.36 -7.93 -14.54
CA PHE B 437 -5.16 -8.08 -16.01
C PHE B 437 -4.62 -6.78 -16.63
N SER B 438 -4.65 -5.64 -15.94
CA SER B 438 -4.35 -4.36 -16.64
C SER B 438 -2.87 -4.26 -17.03
N MET B 439 -1.97 -5.02 -16.42
CA MET B 439 -0.52 -4.99 -16.77
C MET B 439 -0.31 -6.07 -17.84
N ARG B 440 0.01 -5.66 -19.06
CA ARG B 440 0.01 -6.53 -20.27
C ARG B 440 1.43 -6.73 -20.77
N PHE B 441 2.00 -7.91 -20.54
CA PHE B 441 3.42 -8.23 -20.87
C PHE B 441 3.57 -9.02 -22.15
N GLY B 442 2.49 -9.35 -22.84
CA GLY B 442 2.52 -10.27 -23.97
C GLY B 442 3.20 -9.69 -25.23
N LEU B 443 3.92 -10.54 -25.91
CA LEU B 443 4.14 -10.33 -27.37
C LEU B 443 2.81 -10.41 -28.10
N LEU B 444 1.91 -11.27 -27.59
CA LEU B 444 0.55 -11.39 -28.11
C LEU B 444 -0.42 -10.76 -27.12
N LYS B 445 -1.31 -9.92 -27.66
CA LYS B 445 -2.36 -9.28 -26.89
C LYS B 445 -3.49 -10.31 -26.73
N VAL B 446 -4.07 -10.39 -25.54
CA VAL B 446 -5.25 -11.26 -25.25
C VAL B 446 -6.52 -10.40 -25.19
N ASP B 447 -7.56 -10.80 -25.93
CA ASP B 447 -8.94 -10.25 -25.71
C ASP B 447 -9.57 -11.21 -24.66
N TYR B 448 -9.79 -10.72 -23.47
CA TYR B 448 -10.21 -11.61 -22.34
C TYR B 448 -11.67 -12.02 -22.51
N ASN B 449 -12.42 -11.37 -23.39
CA ASN B 449 -13.81 -11.79 -23.72
C ASN B 449 -13.81 -13.04 -24.59
N THR B 450 -13.07 -13.04 -25.69
CA THR B 450 -13.06 -14.14 -26.70
C THR B 450 -11.94 -15.14 -26.43
N LYS B 451 -10.90 -14.76 -25.67
CA LYS B 451 -9.64 -15.53 -25.50
C LYS B 451 -8.84 -15.58 -26.79
N ARG B 452 -9.12 -14.68 -27.76
CA ARG B 452 -8.32 -14.58 -29.02
C ARG B 452 -6.97 -13.92 -28.74
N LEU B 453 -5.93 -14.38 -29.43
CA LEU B 453 -4.54 -13.86 -29.37
C LEU B 453 -4.27 -13.01 -30.61
N TYR B 454 -3.66 -11.86 -30.42
CA TYR B 454 -3.33 -10.93 -31.54
C TYR B 454 -1.84 -10.68 -31.49
N TRP B 455 -1.22 -10.54 -32.66
CA TRP B 455 0.24 -10.26 -32.72
C TRP B 455 0.49 -8.74 -32.54
N ARG B 456 1.10 -8.31 -31.44
CA ARG B 456 1.62 -6.93 -31.37
C ARG B 456 2.77 -6.83 -32.37
N PRO B 457 3.10 -5.61 -32.88
CA PRO B 457 4.28 -5.48 -33.74
C PRO B 457 5.56 -6.08 -33.16
N SER B 458 5.77 -5.99 -31.82
CA SER B 458 6.94 -6.61 -31.17
C SER B 458 7.01 -8.13 -31.48
N ALA B 459 5.88 -8.82 -31.62
CA ALA B 459 5.85 -10.27 -31.97
C ALA B 459 6.45 -10.47 -33.37
N LEU B 460 6.15 -9.56 -34.30
CA LEU B 460 6.77 -9.62 -35.67
C LEU B 460 8.26 -9.32 -35.56
N VAL B 461 8.64 -8.41 -34.69
CA VAL B 461 10.09 -8.18 -34.47
C VAL B 461 10.72 -9.46 -33.92
N TYR B 462 10.09 -10.07 -32.91
CA TYR B 462 10.70 -11.26 -32.28
C TYR B 462 10.80 -12.39 -33.31
N ARG B 463 9.83 -12.57 -34.20
CA ARG B 463 9.92 -13.63 -35.21
C ARG B 463 11.18 -13.38 -36.08
N GLU B 464 11.48 -12.11 -36.37
CA GLU B 464 12.70 -11.77 -37.16
C GLU B 464 13.93 -12.28 -36.41
N ILE B 465 14.01 -12.04 -35.11
CA ILE B 465 15.19 -12.43 -34.29
C ILE B 465 15.23 -13.96 -34.27
N ALA B 466 14.15 -14.65 -33.88
CA ALA B 466 14.23 -16.09 -33.61
C ALA B 466 14.49 -16.86 -34.92
N THR B 467 13.84 -16.49 -36.03
CA THR B 467 13.91 -17.23 -37.32
C THR B 467 15.31 -17.04 -37.90
N ASN B 468 15.99 -15.95 -37.59
CA ASN B 468 17.34 -15.66 -38.11
C ASN B 468 18.43 -16.03 -37.13
N GLY B 469 18.11 -16.27 -35.85
CA GLY B 469 19.11 -16.48 -34.80
C GLY B 469 19.99 -15.25 -34.64
N ALA B 470 19.41 -14.05 -34.83
CA ALA B 470 20.19 -12.81 -34.89
C ALA B 470 19.29 -11.57 -34.77
N ILE B 471 19.86 -10.51 -34.22
CA ILE B 471 19.35 -9.15 -34.51
C ILE B 471 19.87 -8.82 -35.92
N THR B 472 19.01 -8.86 -36.91
CA THR B 472 19.31 -8.62 -38.34
C THR B 472 19.59 -7.11 -38.57
N ASP B 473 20.26 -6.81 -39.69
CA ASP B 473 20.65 -5.42 -40.02
C ASP B 473 19.41 -4.56 -40.05
N GLU B 474 18.30 -5.12 -40.52
CA GLU B 474 17.04 -4.38 -40.75
C GLU B 474 16.49 -3.84 -39.44
N ILE B 475 16.65 -4.56 -38.34
CA ILE B 475 15.98 -4.12 -37.08
C ILE B 475 16.97 -3.62 -36.03
N GLU B 476 18.24 -3.38 -36.37
CA GLU B 476 19.24 -3.07 -35.32
C GLU B 476 19.07 -1.65 -34.74
N HIS B 477 18.27 -0.78 -35.37
CA HIS B 477 17.99 0.60 -34.90
C HIS B 477 17.18 0.54 -33.60
N LEU B 478 16.48 -0.58 -33.39
CA LEU B 478 15.68 -0.79 -32.15
C LEU B 478 16.59 -1.07 -30.96
N ASN B 479 17.89 -1.31 -31.17
CA ASN B 479 18.86 -1.34 -30.06
C ASN B 479 19.16 0.09 -29.58
N SER B 480 18.21 0.71 -28.90
CA SER B 480 18.16 2.16 -28.57
C SER B 480 17.02 2.41 -27.59
N VAL B 481 17.03 3.57 -26.95
CA VAL B 481 16.02 4.01 -25.98
C VAL B 481 14.79 4.50 -26.70
N PRO B 482 13.56 4.08 -26.30
CA PRO B 482 12.35 4.64 -26.89
C PRO B 482 12.40 6.16 -26.78
N PRO B 483 12.14 6.88 -27.91
CA PRO B 483 12.13 8.33 -27.82
C PRO B 483 11.12 8.86 -26.80
N VAL B 484 11.59 9.71 -25.90
CA VAL B 484 10.76 10.21 -24.77
C VAL B 484 9.88 11.41 -25.19
N LYS B 485 10.29 12.21 -26.18
CA LYS B 485 9.50 13.43 -26.54
C LYS B 485 8.04 13.10 -26.85
N PRO B 486 7.67 12.03 -27.62
CA PRO B 486 6.26 11.73 -27.92
C PRO B 486 5.49 11.02 -26.79
N LEU B 487 6.21 10.56 -25.78
CA LEU B 487 5.59 9.79 -24.64
C LEU B 487 5.17 10.76 -23.54
N ARG B 488 4.32 10.28 -22.64
CA ARG B 488 3.96 11.03 -21.42
C ARG B 488 5.19 11.29 -20.55
N HIS B 489 5.22 12.49 -19.95
CA HIS B 489 5.99 12.84 -18.72
C HIS B 489 4.99 13.03 -17.54
O6 OM0 C . -4.74 14.94 4.71
C6 OM0 C . -4.87 16.33 4.99
C5 OM0 C . -5.65 16.51 6.26
C5A OM0 C . -6.93 16.70 6.24
BR5 OM0 C . -7.88 17.02 4.57
C1 OM0 C . -7.83 16.65 7.41
C2 OM0 C . -7.17 16.02 8.62
O2 OM0 C . -7.94 16.33 9.78
C3 OM0 C . -5.76 16.56 8.77
O3 OM0 C . -5.15 16.05 10.00
C4 OM0 C . -4.93 16.17 7.54
O4 OM0 C . -3.64 16.74 7.59
H1 OM0 C . -4.28 14.86 4.02
H2 OM0 C . -5.31 16.78 4.23
H3 OM0 C . -3.97 16.73 5.09
H4 OM0 C . -8.67 16.15 7.18
H6 OM0 C . -7.13 15.03 8.52
H7 OM0 C . -7.57 15.98 10.46
H8 OM0 C . -5.81 17.53 8.82
H9 OM0 C . -4.36 16.36 10.06
H10 OM0 C . -4.80 15.19 7.57
H11 OM0 C . -3.21 16.51 6.91
O6 OM0 D . 5.73 -8.55 -12.73
C6 OM0 D . 5.97 -9.20 -13.99
C5 OM0 D . 6.57 -10.55 -13.70
C5A OM0 D . 7.86 -10.72 -13.63
BR5 OM0 D . 9.04 -9.35 -14.32
C1 OM0 D . 8.58 -11.96 -13.26
C2 OM0 D . 7.64 -12.91 -12.51
O2 OM0 D . 8.28 -14.17 -12.47
C3 OM0 D . 6.32 -12.99 -13.24
O3 OM0 D . 5.44 -13.94 -12.57
C4 OM0 D . 5.61 -11.62 -13.24
O4 OM0 D . 4.45 -11.71 -14.06
H1 OM0 D . 5.37 -7.80 -12.87
H2 OM0 D . 6.56 -8.64 -14.53
H3 OM0 D . 5.12 -9.30 -14.47
H4 OM0 D . 9.37 -11.76 -12.70
H6 OM0 D . 7.48 -12.58 -11.59
H7 OM0 D . 7.80 -14.73 -12.04
H8 OM0 D . 6.48 -13.27 -14.16
H9 OM0 D . 4.70 -13.97 -12.99
H10 OM0 D . 5.33 -11.42 -12.32
H11 OM0 D . 4.06 -10.97 -14.07
C1 EDO E . -2.37 -6.74 5.83
O1 EDO E . -1.50 -7.24 4.63
C2 EDO E . -2.09 -5.42 6.46
O2 EDO E . -0.88 -4.69 6.02
H11 EDO E . -2.31 -7.41 6.54
H12 EDO E . -3.30 -6.73 5.53
HO1 EDO E . -1.70 -7.91 4.54
H21 EDO E . -2.03 -5.56 7.43
H22 EDO E . -2.88 -4.85 6.32
HO2 EDO E . -0.52 -5.10 5.38
#